data_8ZVQ
#
_entry.id   8ZVQ
#
_entity_poly.entity_id   1
_entity_poly.type   'polypeptide(L)'
_entity_poly.pdbx_seq_one_letter_code
;MDLRTMTQSLVTLAEDNIAFFSSQGPGETAQRLSGVFAGVREQALGLEPALGRLLGVAHLFDLDPETPANGYRSLVHTAR
CCLAHLLHKSRYVASNRRSIFFRTSHNLAELEAYLAALTQLRALVYYAQRLLVTNRPGVLFFEGDEGLTADFLREYVTLH
KGCFYGRCLGFQFTPAIRPFLQTISIGLVSFGEHYKRNETGLSVAASSLFTSGRFAIDPELRGAEFERITQNLDVHFWKA
FWNITEMEVLSSLANMASATVRVSRLLSLPPEAFEMPLTADPTLTVTISPPLAHTGPGPVLVRLISYDLREGQDSEELSS
LIKSNGQRSLELWPRPQQAPRSRSLIVHFHGGGFVAQTSRSHEPYLKSWAQELGAPIISIDYSLAPEAPFPRALEECFFA
YCWAIKHCALLGSTGERICLAGDSAGGNLCFTVALRAAAYGVRVPDGIMAAYPATMLQPAASPSRLLSLMDPLLPLSVLS
KCVSAYAGAKTEDHSNSDQKALGMMGLVRRDTALLLRDFRLGASSWLNSFLELSGRKSQKMSEPIAEPMRRSVSEAALAQ
PQGPLGTDSLKNLTLRDLSLRGNSETSSDTPEMSLSAETLSPSTPSDVNFLLPPEDAGEEAEAKNELSPMDRGLGVRAAF
PEGFHPRRSSQGATQMPLYSSPIVKNPFMSPLLAPDSMLKSLPPVHIVACALDPMLDDSVMLARRLRNLGQPVTLRVVED
LPHGFLTLAALCRETRQAAELCVERIRLVLTPPAGAGPSGETGAAGVDGGCGGRH
;
_entity_poly.pdbx_strand_id   A,B
#
# COMPACT_ATOMS: atom_id res chain seq x y z
N ARG A 4 -35.58 6.39 -22.51
CA ARG A 4 -37.02 6.14 -22.42
C ARG A 4 -37.29 4.67 -22.13
N THR A 5 -36.52 3.79 -22.76
CA THR A 5 -36.63 2.36 -22.48
C THR A 5 -36.04 2.00 -21.12
N MET A 6 -35.12 2.81 -20.61
CA MET A 6 -34.55 2.55 -19.29
C MET A 6 -35.50 2.96 -18.18
N THR A 7 -36.27 4.03 -18.39
CA THR A 7 -37.20 4.51 -17.37
C THR A 7 -38.43 3.62 -17.26
N GLN A 8 -38.98 3.17 -18.39
CA GLN A 8 -40.19 2.34 -18.39
C GLN A 8 -39.92 0.95 -17.83
N SER A 9 -38.69 0.43 -18.01
CA SER A 9 -38.38 -0.93 -17.57
C SER A 9 -38.48 -1.05 -16.06
N LEU A 10 -38.13 0.00 -15.32
CA LEU A 10 -38.35 -0.02 -13.88
C LEU A 10 -39.85 0.09 -13.55
N VAL A 11 -40.60 0.83 -14.37
CA VAL A 11 -42.02 1.04 -14.10
C VAL A 11 -42.83 -0.21 -14.42
N THR A 12 -42.51 -0.90 -15.51
CA THR A 12 -43.28 -2.08 -15.89
C THR A 12 -43.00 -3.28 -15.01
N LEU A 13 -41.97 -3.25 -14.17
CA LEU A 13 -41.70 -4.29 -13.19
C LEU A 13 -42.09 -3.86 -11.77
N ALA A 14 -42.96 -2.87 -11.64
CA ALA A 14 -43.27 -2.30 -10.33
C ALA A 14 -44.48 -2.95 -9.66
N GLU A 15 -45.63 -2.92 -10.32
CA GLU A 15 -46.87 -3.40 -9.70
C GLU A 15 -46.83 -4.90 -9.44
N ASP A 16 -46.24 -5.68 -10.35
CA ASP A 16 -46.10 -7.11 -10.10
C ASP A 16 -45.21 -7.37 -8.90
N ASN A 17 -44.07 -6.67 -8.82
CA ASN A 17 -43.20 -6.83 -7.66
C ASN A 17 -43.80 -6.22 -6.40
N ILE A 18 -44.69 -5.24 -6.55
CA ILE A 18 -45.50 -4.81 -5.42
C ILE A 18 -46.47 -5.93 -5.01
N ALA A 19 -47.10 -6.56 -6.00
CA ALA A 19 -48.02 -7.66 -5.71
C ALA A 19 -47.31 -8.94 -5.32
N PHE A 20 -46.02 -9.09 -5.68
CA PHE A 20 -45.26 -10.28 -5.32
C PHE A 20 -45.02 -10.35 -3.81
N PHE A 21 -44.82 -9.22 -3.16
CA PHE A 21 -44.48 -9.21 -1.74
C PHE A 21 -45.66 -8.85 -0.84
N SER A 22 -46.62 -8.07 -1.33
CA SER A 22 -47.76 -7.67 -0.52
C SER A 22 -48.78 -8.79 -0.33
N SER A 23 -48.77 -9.79 -1.21
CA SER A 23 -49.75 -10.87 -1.14
C SER A 23 -49.27 -12.07 -0.34
N GLN A 24 -48.01 -12.09 0.10
CA GLN A 24 -47.43 -13.22 0.81
C GLN A 24 -46.86 -12.77 2.16
N GLY A 25 -47.66 -12.03 2.92
CA GLY A 25 -47.27 -11.64 4.25
C GLY A 25 -47.90 -10.33 4.69
N PRO A 26 -48.42 -10.31 5.92
CA PRO A 26 -49.00 -9.08 6.48
C PRO A 26 -48.04 -8.26 7.34
N GLY A 27 -46.75 -8.60 7.36
CA GLY A 27 -45.80 -7.90 8.20
C GLY A 27 -45.45 -6.52 7.64
N GLU A 28 -44.53 -5.87 8.36
CA GLU A 28 -44.10 -4.52 7.97
C GLU A 28 -43.30 -4.53 6.69
N THR A 29 -42.54 -5.61 6.44
CA THR A 29 -41.61 -5.63 5.32
C THR A 29 -42.33 -5.62 3.97
N ALA A 30 -43.55 -6.16 3.91
CA ALA A 30 -44.34 -6.09 2.68
C ALA A 30 -44.69 -4.64 2.34
N GLN A 31 -45.14 -3.88 3.35
CA GLN A 31 -45.43 -2.47 3.15
C GLN A 31 -44.15 -1.70 2.80
N ARG A 32 -43.04 -2.02 3.46
CA ARG A 32 -41.77 -1.36 3.18
C ARG A 32 -41.34 -1.58 1.73
N LEU A 33 -41.37 -2.83 1.27
CA LEU A 33 -40.90 -3.11 -0.09
C LEU A 33 -41.86 -2.57 -1.14
N SER A 34 -43.17 -2.63 -0.88
CA SER A 34 -44.14 -2.08 -1.83
C SER A 34 -43.98 -0.57 -1.95
N GLY A 35 -43.84 0.13 -0.82
CA GLY A 35 -43.62 1.56 -0.87
C GLY A 35 -42.28 1.93 -1.49
N VAL A 36 -41.25 1.11 -1.26
CA VAL A 36 -39.94 1.37 -1.85
C VAL A 36 -40.00 1.24 -3.36
N PHE A 37 -40.68 0.21 -3.86
CA PHE A 37 -40.69 0.02 -5.31
C PHE A 37 -41.64 1.01 -5.98
N ALA A 38 -42.71 1.40 -5.30
CA ALA A 38 -43.56 2.49 -5.79
C ALA A 38 -42.80 3.80 -5.86
N GLY A 39 -41.97 4.08 -4.85
CA GLY A 39 -41.11 5.25 -4.90
C GLY A 39 -40.09 5.16 -6.02
N VAL A 40 -39.58 3.96 -6.29
CA VAL A 40 -38.61 3.77 -7.38
C VAL A 40 -39.24 4.12 -8.73
N ARG A 41 -40.43 3.57 -9.01
CA ARG A 41 -41.06 3.87 -10.28
C ARG A 41 -41.50 5.32 -10.36
N GLU A 42 -41.94 5.91 -9.24
CA GLU A 42 -42.32 7.32 -9.23
C GLU A 42 -41.13 8.22 -9.49
N GLN A 43 -39.99 7.94 -8.86
CA GLN A 43 -38.79 8.75 -9.06
C GLN A 43 -38.27 8.64 -10.49
N ALA A 44 -38.28 7.43 -11.06
CA ALA A 44 -37.83 7.28 -12.45
C ALA A 44 -38.75 8.04 -13.41
N LEU A 45 -40.06 7.89 -13.23
CA LEU A 45 -41.01 8.55 -14.14
C LEU A 45 -40.98 10.06 -14.00
N GLY A 46 -40.80 10.57 -12.78
CA GLY A 46 -40.70 12.00 -12.59
C GLY A 46 -39.36 12.59 -12.96
N LEU A 47 -38.30 11.78 -12.98
CA LEU A 47 -36.98 12.27 -13.32
C LEU A 47 -36.68 12.18 -14.81
N GLU A 48 -37.44 11.39 -15.57
CA GLU A 48 -37.23 11.33 -17.02
C GLU A 48 -37.30 12.67 -17.77
N PRO A 49 -38.34 13.52 -17.60
CA PRO A 49 -38.41 14.71 -18.47
C PRO A 49 -37.38 15.78 -18.16
N ALA A 50 -37.03 15.96 -16.88
CA ALA A 50 -35.98 16.91 -16.52
C ALA A 50 -34.64 16.49 -17.10
N LEU A 51 -34.36 15.19 -17.08
CA LEU A 51 -33.15 14.67 -17.72
C LEU A 51 -33.18 14.89 -19.23
N GLY A 52 -34.35 14.74 -19.86
CA GLY A 52 -34.45 15.00 -21.28
C GLY A 52 -34.16 16.44 -21.65
N ARG A 53 -34.74 17.38 -20.88
CA ARG A 53 -34.45 18.80 -21.12
C ARG A 53 -32.98 19.12 -20.87
N LEU A 54 -32.39 18.52 -19.82
CA LEU A 54 -30.99 18.74 -19.52
C LEU A 54 -30.08 18.25 -20.63
N LEU A 55 -30.35 17.06 -21.19
CA LEU A 55 -29.50 16.56 -22.26
C LEU A 55 -29.68 17.36 -23.55
N GLY A 56 -30.91 17.81 -23.84
CA GLY A 56 -31.11 18.64 -25.03
C GLY A 56 -30.36 19.96 -24.95
N VAL A 57 -30.45 20.64 -23.81
CA VAL A 57 -29.75 21.92 -23.73
C VAL A 57 -28.25 21.68 -23.52
N ALA A 58 -27.84 20.54 -22.98
CA ALA A 58 -26.43 20.19 -22.91
C ALA A 58 -25.83 20.02 -24.30
N HIS A 59 -26.59 19.44 -25.23
CA HIS A 59 -26.18 19.47 -26.63
C HIS A 59 -26.14 20.91 -27.14
N LEU A 60 -27.10 21.74 -26.72
CA LEU A 60 -27.11 23.15 -27.12
C LEU A 60 -25.95 23.96 -26.51
N PHE A 61 -25.28 23.44 -25.50
CA PHE A 61 -24.41 24.24 -24.64
C PHE A 61 -22.92 24.04 -24.87
N ASP A 62 -22.49 22.87 -25.34
CA ASP A 62 -21.08 22.53 -25.37
C ASP A 62 -20.33 23.31 -26.46
N LEU A 63 -19.03 23.47 -26.23
CA LEU A 63 -18.19 24.22 -27.15
C LEU A 63 -17.92 23.46 -28.45
N ASP A 64 -17.59 22.16 -28.35
CA ASP A 64 -17.30 21.35 -29.51
C ASP A 64 -18.01 20.01 -29.40
N PRO A 65 -18.42 19.42 -30.52
CA PRO A 65 -19.00 18.07 -30.47
C PRO A 65 -18.01 16.98 -30.11
N GLU A 66 -16.71 17.22 -30.28
CA GLU A 66 -15.72 16.18 -30.01
C GLU A 66 -15.55 15.94 -28.52
N THR A 67 -15.72 16.96 -27.69
CA THR A 67 -15.51 16.83 -26.24
C THR A 67 -16.84 17.05 -25.51
N PRO A 68 -17.52 15.98 -25.11
CA PRO A 68 -18.72 16.15 -24.28
C PRO A 68 -18.36 16.53 -22.85
N ALA A 69 -17.98 17.79 -22.64
CA ALA A 69 -17.50 18.25 -21.35
C ALA A 69 -18.33 19.44 -20.92
N ASN A 70 -19.35 19.18 -20.11
CA ASN A 70 -20.13 20.21 -19.44
C ASN A 70 -20.53 19.69 -18.06
N GLY A 71 -21.12 20.55 -17.25
CA GLY A 71 -21.70 20.09 -16.00
C GLY A 71 -23.00 19.36 -16.20
N TYR A 72 -23.77 19.74 -17.22
CA TYR A 72 -25.06 19.10 -17.49
C TYR A 72 -24.88 17.64 -17.88
N ARG A 73 -23.89 17.34 -18.71
CA ARG A 73 -23.59 15.96 -19.06
C ARG A 73 -23.17 15.16 -17.84
N SER A 74 -22.48 15.80 -16.89
CA SER A 74 -22.05 15.09 -15.69
C SER A 74 -23.22 14.77 -14.78
N LEU A 75 -24.15 15.71 -14.60
CA LEU A 75 -25.32 15.43 -13.76
C LEU A 75 -26.23 14.39 -14.41
N VAL A 76 -26.41 14.46 -15.73
CA VAL A 76 -27.17 13.44 -16.44
C VAL A 76 -26.49 12.08 -16.34
N HIS A 77 -25.15 12.05 -16.40
CA HIS A 77 -24.41 10.81 -16.25
C HIS A 77 -24.59 10.21 -14.85
N THR A 78 -24.57 11.05 -13.82
CA THR A 78 -24.79 10.57 -12.46
C THR A 78 -26.20 10.00 -12.29
N ALA A 79 -27.20 10.69 -12.85
CA ALA A 79 -28.58 10.22 -12.76
C ALA A 79 -28.78 8.90 -13.49
N ARG A 80 -28.23 8.77 -14.70
CA ARG A 80 -28.43 7.53 -15.44
C ARG A 80 -27.59 6.40 -14.88
N CYS A 81 -26.47 6.70 -14.22
CA CYS A 81 -25.75 5.64 -13.52
C CYS A 81 -26.56 5.10 -12.35
N CYS A 82 -27.19 5.99 -11.58
CA CYS A 82 -28.06 5.53 -10.49
C CYS A 82 -29.24 4.73 -11.03
N LEU A 83 -29.83 5.17 -12.14
CA LEU A 83 -30.95 4.45 -12.74
C LEU A 83 -30.55 3.08 -13.25
N ALA A 84 -29.37 2.97 -13.88
CA ALA A 84 -28.91 1.69 -14.39
C ALA A 84 -28.57 0.73 -13.25
N HIS A 85 -28.01 1.25 -12.16
CA HIS A 85 -27.74 0.40 -11.00
C HIS A 85 -29.03 -0.12 -10.36
N LEU A 86 -30.04 0.75 -10.23
CA LEU A 86 -31.32 0.31 -9.70
C LEU A 86 -32.00 -0.68 -10.63
N LEU A 87 -31.86 -0.48 -11.95
CA LEU A 87 -32.39 -1.42 -12.93
C LEU A 87 -31.75 -2.80 -12.80
N HIS A 88 -30.42 -2.85 -12.69
CA HIS A 88 -29.72 -4.12 -12.56
C HIS A 88 -30.10 -4.84 -11.28
N LYS A 89 -30.18 -4.10 -10.17
CA LYS A 89 -30.59 -4.69 -8.90
C LYS A 89 -32.02 -5.23 -8.98
N SER A 90 -32.92 -4.48 -9.63
CA SER A 90 -34.30 -4.91 -9.79
C SER A 90 -34.40 -6.17 -10.65
N ARG A 91 -33.63 -6.21 -11.75
CA ARG A 91 -33.65 -7.40 -12.61
C ARG A 91 -33.14 -8.63 -11.86
N TYR A 92 -32.09 -8.45 -11.05
CA TYR A 92 -31.56 -9.58 -10.28
C TYR A 92 -32.54 -10.07 -9.23
N VAL A 93 -33.20 -9.16 -8.49
CA VAL A 93 -34.11 -9.64 -7.44
C VAL A 93 -35.35 -10.24 -8.07
N ALA A 94 -35.79 -9.70 -9.22
CA ALA A 94 -36.93 -10.28 -9.93
C ALA A 94 -36.62 -11.67 -10.46
N SER A 95 -35.40 -11.88 -10.96
CA SER A 95 -35.02 -13.21 -11.41
C SER A 95 -34.73 -14.16 -10.26
N ASN A 96 -34.49 -13.63 -9.05
CA ASN A 96 -34.11 -14.48 -7.92
C ASN A 96 -35.02 -14.27 -6.70
N ARG A 97 -36.33 -14.30 -6.91
CA ARG A 97 -37.29 -14.15 -5.81
C ARG A 97 -38.17 -15.39 -5.69
N ARG A 98 -37.61 -16.57 -6.00
CA ARG A 98 -38.36 -17.80 -5.86
C ARG A 98 -38.49 -18.22 -4.41
N SER A 99 -37.47 -17.92 -3.60
CA SER A 99 -37.48 -18.22 -2.17
C SER A 99 -37.26 -16.93 -1.39
N ILE A 100 -37.44 -17.03 -0.07
CA ILE A 100 -37.29 -15.90 0.84
C ILE A 100 -36.02 -16.21 1.63
N PHE A 101 -35.08 -16.90 0.96
CA PHE A 101 -33.80 -17.22 1.59
C PHE A 101 -33.00 -15.97 1.91
N PHE A 102 -32.97 -15.01 0.98
CA PHE A 102 -32.30 -13.74 1.24
C PHE A 102 -33.06 -12.95 2.29
N ARG A 103 -32.32 -12.30 3.18
CA ARG A 103 -32.97 -11.50 4.22
C ARG A 103 -33.51 -10.21 3.61
N THR A 104 -34.75 -9.88 3.96
CA THR A 104 -35.40 -8.70 3.43
C THR A 104 -34.76 -7.41 3.93
N SER A 105 -34.08 -7.45 5.08
CA SER A 105 -33.49 -6.24 5.66
C SER A 105 -32.36 -5.69 4.80
N HIS A 106 -31.52 -6.57 4.26
CA HIS A 106 -30.36 -6.12 3.47
C HIS A 106 -30.79 -5.41 2.19
N ASN A 107 -31.64 -6.05 1.40
CA ASN A 107 -32.13 -5.43 0.18
C ASN A 107 -33.06 -4.26 0.47
N LEU A 108 -33.75 -4.30 1.62
CA LEU A 108 -34.55 -3.16 2.06
C LEU A 108 -33.68 -1.93 2.27
N ALA A 109 -32.56 -2.09 2.99
CA ALA A 109 -31.68 -0.95 3.24
C ALA A 109 -30.98 -0.50 1.97
N GLU A 110 -30.62 -1.45 1.10
CA GLU A 110 -29.99 -1.10 -0.18
C GLU A 110 -30.94 -0.27 -1.06
N LEU A 111 -32.19 -0.72 -1.21
CA LEU A 111 -33.12 0.01 -2.05
C LEU A 111 -33.60 1.29 -1.39
N GLU A 112 -33.57 1.36 -0.05
CA GLU A 112 -33.86 2.62 0.63
C GLU A 112 -32.78 3.66 0.35
N ALA A 113 -31.51 3.24 0.41
CA ALA A 113 -30.41 4.14 0.09
C ALA A 113 -30.47 4.58 -1.37
N TYR A 114 -30.86 3.67 -2.26
CA TYR A 114 -30.97 4.08 -3.67
C TYR A 114 -32.19 4.96 -3.94
N LEU A 115 -33.27 4.80 -3.16
CA LEU A 115 -34.36 5.77 -3.19
C LEU A 115 -33.89 7.15 -2.77
N ALA A 116 -33.08 7.21 -1.71
CA ALA A 116 -32.53 8.49 -1.28
C ALA A 116 -31.63 9.09 -2.35
N ALA A 117 -30.84 8.25 -3.02
CA ALA A 117 -29.97 8.73 -4.09
C ALA A 117 -30.78 9.31 -5.25
N LEU A 118 -31.85 8.62 -5.65
CA LEU A 118 -32.65 9.11 -6.77
C LEU A 118 -33.37 10.40 -6.41
N THR A 119 -33.90 10.51 -5.18
CA THR A 119 -34.59 11.76 -4.84
C THR A 119 -33.62 12.93 -4.67
N GLN A 120 -32.40 12.67 -4.19
CA GLN A 120 -31.42 13.76 -4.08
C GLN A 120 -30.93 14.21 -5.45
N LEU A 121 -30.71 13.25 -6.37
CA LEU A 121 -30.37 13.64 -7.72
C LEU A 121 -31.53 14.34 -8.43
N ARG A 122 -32.77 14.01 -8.06
CA ARG A 122 -33.92 14.75 -8.58
C ARG A 122 -33.87 16.21 -8.15
N ALA A 123 -33.59 16.45 -6.86
CA ALA A 123 -33.47 17.82 -6.37
C ALA A 123 -32.32 18.56 -7.05
N LEU A 124 -31.18 17.90 -7.25
CA LEU A 124 -30.05 18.55 -7.90
C LEU A 124 -30.32 18.84 -9.37
N VAL A 125 -31.03 17.94 -10.06
CA VAL A 125 -31.34 18.17 -11.47
C VAL A 125 -32.34 19.31 -11.61
N TYR A 126 -33.30 19.42 -10.68
CA TYR A 126 -34.20 20.57 -10.66
C TYR A 126 -33.44 21.88 -10.43
N TYR A 127 -32.44 21.85 -9.54
CA TYR A 127 -31.64 23.06 -9.28
C TYR A 127 -30.79 23.44 -10.49
N ALA A 128 -30.25 22.44 -11.20
CA ALA A 128 -29.51 22.73 -12.43
C ALA A 128 -30.42 23.32 -13.49
N GLN A 129 -31.67 22.84 -13.57
CA GLN A 129 -32.64 23.42 -14.49
C GLN A 129 -32.97 24.87 -14.11
N ARG A 130 -33.08 25.14 -12.81
CA ARG A 130 -33.33 26.51 -12.35
C ARG A 130 -32.19 27.44 -12.73
N LEU A 131 -30.94 26.99 -12.54
CA LEU A 131 -29.78 27.76 -12.96
C LEU A 131 -29.77 27.98 -14.47
N LEU A 132 -30.17 26.96 -15.22
CA LEU A 132 -30.21 27.03 -16.67
C LEU A 132 -31.21 28.08 -17.15
N VAL A 133 -32.39 28.12 -16.53
CA VAL A 133 -33.39 29.11 -16.91
C VAL A 133 -32.94 30.50 -16.49
N THR A 134 -32.32 30.63 -15.31
CA THR A 134 -31.97 31.94 -14.77
C THR A 134 -30.89 32.64 -15.59
N ASN A 135 -29.90 31.90 -16.08
CA ASN A 135 -28.77 32.52 -16.76
C ASN A 135 -28.99 32.60 -18.26
N ARG A 136 -28.09 33.33 -18.92
CA ARG A 136 -28.06 33.38 -20.38
C ARG A 136 -27.34 32.14 -20.92
N PRO A 137 -27.95 31.35 -21.79
CA PRO A 137 -27.25 30.21 -22.39
C PRO A 137 -26.06 30.65 -23.23
N GLY A 138 -25.06 29.77 -23.29
CA GLY A 138 -23.81 30.03 -23.96
C GLY A 138 -22.66 30.31 -23.02
N VAL A 139 -22.94 30.74 -21.79
CA VAL A 139 -21.92 30.91 -20.76
C VAL A 139 -22.31 30.02 -19.58
N LEU A 140 -21.37 29.19 -19.14
CA LEU A 140 -21.65 28.22 -18.09
C LEU A 140 -21.43 28.79 -16.69
N PHE A 141 -21.05 30.05 -16.59
CA PHE A 141 -20.90 30.75 -15.32
C PHE A 141 -21.99 31.82 -15.22
N PHE A 142 -21.93 32.62 -14.15
CA PHE A 142 -22.91 33.65 -13.89
C PHE A 142 -22.26 35.02 -13.94
N GLU A 143 -23.00 36.00 -14.45
CA GLU A 143 -22.53 37.39 -14.55
C GLU A 143 -23.02 38.26 -13.39
N GLY A 144 -23.73 37.69 -12.42
CA GLY A 144 -24.30 38.47 -11.35
C GLY A 144 -23.28 38.92 -10.33
N ASP A 145 -23.76 39.73 -9.38
CA ASP A 145 -22.91 40.31 -8.35
C ASP A 145 -22.64 39.27 -7.24
N GLU A 146 -22.01 39.74 -6.17
CA GLU A 146 -21.59 38.84 -5.10
C GLU A 146 -22.77 38.37 -4.25
N GLY A 147 -23.72 39.27 -3.97
CA GLY A 147 -24.81 38.92 -3.06
C GLY A 147 -25.74 37.86 -3.62
N LEU A 148 -26.13 38.01 -4.89
CA LEU A 148 -27.04 37.03 -5.49
C LEU A 148 -26.34 35.70 -5.75
N THR A 149 -25.06 35.74 -6.11
CA THR A 149 -24.28 34.51 -6.28
C THR A 149 -24.15 33.78 -4.93
N ALA A 150 -23.90 34.52 -3.85
CA ALA A 150 -23.86 33.91 -2.53
C ALA A 150 -25.21 33.33 -2.12
N ASP A 151 -26.31 34.02 -2.46
CA ASP A 151 -27.64 33.49 -2.21
C ASP A 151 -27.88 32.19 -2.97
N PHE A 152 -27.46 32.15 -4.24
CA PHE A 152 -27.58 30.94 -5.05
C PHE A 152 -26.77 29.79 -4.46
N LEU A 153 -25.54 30.09 -4.03
CA LEU A 153 -24.68 29.05 -3.47
C LEU A 153 -25.24 28.51 -2.16
N ARG A 154 -25.77 29.40 -1.31
CA ARG A 154 -26.37 28.95 -0.05
C ARG A 154 -27.64 28.13 -0.31
N GLU A 155 -28.44 28.56 -1.29
CA GLU A 155 -29.66 27.84 -1.62
C GLU A 155 -29.37 26.44 -2.15
N TYR A 156 -28.32 26.30 -2.96
CA TYR A 156 -27.95 24.97 -3.43
C TYR A 156 -27.31 24.14 -2.32
N VAL A 157 -26.46 24.75 -1.48
CA VAL A 157 -25.77 24.00 -0.45
C VAL A 157 -26.68 23.66 0.73
N THR A 158 -27.90 24.21 0.76
CA THR A 158 -28.87 23.84 1.79
C THR A 158 -29.31 22.38 1.70
N LEU A 159 -29.11 21.73 0.55
CA LEU A 159 -29.51 20.34 0.38
C LEU A 159 -28.65 19.41 1.23
N HIS A 160 -29.17 18.21 1.47
CA HIS A 160 -28.57 17.25 2.39
C HIS A 160 -28.16 16.01 1.60
N LYS A 161 -27.03 15.42 1.97
CA LYS A 161 -26.33 14.46 1.12
C LYS A 161 -26.22 13.08 1.76
N GLY A 162 -27.34 12.56 2.27
CA GLY A 162 -27.34 11.32 3.03
C GLY A 162 -27.18 10.04 2.24
N CYS A 163 -26.94 10.15 0.95
CA CYS A 163 -26.91 9.00 0.06
C CYS A 163 -25.57 8.78 -0.60
N PHE A 164 -24.93 9.84 -1.11
CA PHE A 164 -23.63 9.68 -1.76
C PHE A 164 -22.53 9.37 -0.75
N TYR A 165 -22.70 9.77 0.50
CA TYR A 165 -21.67 9.63 1.52
C TYR A 165 -21.92 8.44 2.44
N GLY A 166 -22.92 7.61 2.14
CA GLY A 166 -23.18 6.43 2.92
C GLY A 166 -22.67 5.18 2.24
N ARG A 167 -23.56 4.21 2.01
CA ARG A 167 -23.18 2.96 1.37
C ARG A 167 -22.90 3.14 -0.12
N CYS A 168 -23.52 4.13 -0.76
CA CYS A 168 -23.41 4.33 -2.20
C CYS A 168 -22.23 5.21 -2.59
N LEU A 169 -21.16 5.20 -1.83
CA LEU A 169 -19.98 6.03 -2.09
C LEU A 169 -19.25 5.47 -3.31
N GLY A 170 -19.43 6.13 -4.45
CA GLY A 170 -18.70 5.77 -5.64
C GLY A 170 -19.48 4.96 -6.65
N PHE A 171 -20.77 5.23 -6.80
CA PHE A 171 -21.55 4.56 -7.83
C PHE A 171 -21.26 5.14 -9.21
N GLN A 172 -20.80 6.38 -9.28
CA GLN A 172 -20.57 7.05 -10.56
C GLN A 172 -19.20 6.74 -11.14
N PHE A 173 -18.36 5.98 -10.44
CA PHE A 173 -17.02 5.65 -10.86
C PHE A 173 -16.95 4.19 -11.32
N THR A 174 -15.75 3.76 -11.65
CA THR A 174 -15.48 2.37 -11.95
C THR A 174 -15.63 1.54 -10.68
N PRO A 175 -16.19 0.33 -10.77
CA PRO A 175 -16.23 -0.57 -9.61
C PRO A 175 -14.87 -1.10 -9.17
N ALA A 176 -13.80 -0.81 -9.91
CA ALA A 176 -12.46 -1.27 -9.55
C ALA A 176 -11.72 -0.30 -8.63
N ILE A 177 -12.38 0.75 -8.17
CA ILE A 177 -11.73 1.76 -7.34
C ILE A 177 -12.43 1.98 -6.00
N ARG A 178 -13.68 1.51 -5.84
CA ARG A 178 -14.48 1.82 -4.66
C ARG A 178 -13.86 1.44 -3.31
N PRO A 179 -13.21 0.28 -3.11
CA PRO A 179 -12.60 0.00 -1.79
C PRO A 179 -11.58 1.04 -1.34
N PHE A 180 -10.83 1.63 -2.27
CA PHE A 180 -9.91 2.69 -1.90
C PHE A 180 -10.67 3.92 -1.41
N LEU A 181 -11.78 4.26 -2.06
CA LEU A 181 -12.61 5.37 -1.58
C LEU A 181 -13.18 5.08 -0.19
N GLN A 182 -13.59 3.84 0.06
CA GLN A 182 -14.12 3.52 1.38
C GLN A 182 -13.03 3.60 2.46
N THR A 183 -11.82 3.12 2.18
CA THR A 183 -10.80 3.20 3.24
C THR A 183 -10.28 4.62 3.41
N ILE A 184 -10.29 5.43 2.34
CA ILE A 184 -9.96 6.84 2.49
C ILE A 184 -11.01 7.55 3.34
N SER A 185 -12.28 7.21 3.15
CA SER A 185 -13.33 7.76 4.01
C SER A 185 -13.15 7.33 5.46
N ILE A 186 -12.80 6.06 5.69
CA ILE A 186 -12.59 5.56 7.04
C ILE A 186 -11.40 6.27 7.69
N GLY A 187 -10.31 6.44 6.94
CA GLY A 187 -9.15 7.14 7.48
C GLY A 187 -9.42 8.59 7.80
N LEU A 188 -10.16 9.28 6.92
CA LEU A 188 -10.43 10.70 7.14
C LEU A 188 -11.38 10.91 8.31
N VAL A 189 -12.39 10.04 8.46
CA VAL A 189 -13.24 10.09 9.65
C VAL A 189 -12.42 9.76 10.90
N SER A 190 -11.46 8.85 10.79
CA SER A 190 -10.60 8.51 11.92
C SER A 190 -9.78 9.70 12.37
N PHE A 191 -9.17 10.42 11.42
CA PHE A 191 -8.41 11.62 11.80
C PHE A 191 -9.33 12.71 12.34
N GLY A 192 -10.53 12.85 11.77
CA GLY A 192 -11.46 13.84 12.27
C GLY A 192 -11.88 13.58 13.71
N GLU A 193 -12.19 12.32 14.03
CA GLU A 193 -12.55 11.96 15.40
C GLU A 193 -11.37 12.10 16.35
N HIS A 194 -10.18 11.67 15.92
CA HIS A 194 -8.99 11.74 16.77
C HIS A 194 -8.64 13.18 17.10
N TYR A 195 -8.79 14.08 16.14
CA TYR A 195 -8.44 15.47 16.36
C TYR A 195 -9.56 16.27 17.01
N LYS A 196 -10.82 15.85 16.85
CA LYS A 196 -11.88 16.41 17.68
C LYS A 196 -11.66 16.04 19.14
N ARG A 197 -11.22 14.81 19.40
CA ARG A 197 -10.84 14.40 20.74
C ARG A 197 -9.45 14.89 21.13
N ASN A 198 -8.68 15.42 20.18
CA ASN A 198 -7.33 15.97 20.40
C ASN A 198 -6.38 14.97 21.04
N ARG A 214 -14.78 -0.21 14.09
CA ARG A 214 -15.81 0.52 14.82
C ARG A 214 -16.99 0.84 13.92
N PHE A 215 -16.91 1.98 13.24
CA PHE A 215 -17.94 2.41 12.31
C PHE A 215 -17.73 1.88 10.90
N ALA A 216 -16.60 1.21 10.65
CA ALA A 216 -16.30 0.69 9.31
C ALA A 216 -17.13 -0.53 8.95
N ILE A 217 -17.63 -1.27 9.93
CA ILE A 217 -18.44 -2.45 9.65
C ILE A 217 -19.80 -2.05 9.09
N ASP A 218 -20.44 -1.02 9.65
CA ASP A 218 -21.77 -0.59 9.22
C ASP A 218 -21.67 0.64 8.32
N PRO A 219 -21.95 0.52 7.02
CA PRO A 219 -21.90 1.69 6.14
C PRO A 219 -23.07 2.66 6.33
N GLU A 220 -24.10 2.27 7.10
CA GLU A 220 -25.24 3.15 7.32
C GLU A 220 -24.84 4.37 8.12
N LEU A 221 -23.91 4.22 9.06
CA LEU A 221 -23.46 5.32 9.89
C LEU A 221 -22.26 6.06 9.32
N ARG A 222 -21.80 5.68 8.12
CA ARG A 222 -20.71 6.41 7.49
C ARG A 222 -21.13 7.83 7.11
N GLY A 223 -22.34 7.98 6.57
CA GLY A 223 -22.83 9.29 6.18
C GLY A 223 -23.00 10.24 7.36
N ALA A 224 -23.34 9.70 8.53
CA ALA A 224 -23.59 10.51 9.72
C ALA A 224 -22.36 11.25 10.22
N GLU A 225 -21.18 10.97 9.68
CA GLU A 225 -20.02 11.81 9.91
C GLU A 225 -19.46 12.36 8.60
N PHE A 226 -19.64 11.64 7.49
CA PHE A 226 -19.10 12.12 6.22
C PHE A 226 -19.85 13.34 5.69
N GLU A 227 -21.06 13.60 6.15
CA GLU A 227 -21.75 14.83 5.79
C GLU A 227 -21.57 15.92 6.83
N ARG A 228 -21.23 15.57 8.07
CA ARG A 228 -20.93 16.57 9.08
C ARG A 228 -19.54 17.18 8.88
N ILE A 229 -18.58 16.38 8.38
CA ILE A 229 -17.27 16.94 8.07
C ILE A 229 -17.29 17.86 6.85
N THR A 230 -18.35 17.81 6.05
CA THR A 230 -18.48 18.75 4.93
C THR A 230 -18.62 20.18 5.44
N GLN A 231 -19.47 20.39 6.43
CA GLN A 231 -19.75 21.72 6.95
C GLN A 231 -19.04 22.01 8.27
N ASN A 232 -18.24 21.08 8.78
CA ASN A 232 -17.54 21.29 10.05
C ASN A 232 -16.04 21.01 9.89
N LEU A 233 -15.43 21.61 8.86
CA LEU A 233 -14.03 21.38 8.56
C LEU A 233 -13.30 22.71 8.42
N ASP A 234 -12.00 22.70 8.72
CA ASP A 234 -11.12 23.84 8.58
C ASP A 234 -10.01 23.51 7.60
N VAL A 235 -9.52 24.52 6.87
CA VAL A 235 -8.46 24.30 5.89
C VAL A 235 -7.13 23.98 6.56
N HIS A 236 -6.93 24.45 7.79
CA HIS A 236 -5.75 24.06 8.57
C HIS A 236 -5.77 22.58 8.87
N PHE A 237 -6.95 21.97 8.83
CA PHE A 237 -7.11 20.58 9.18
C PHE A 237 -7.04 19.67 7.95
N TRP A 238 -7.45 20.19 6.80
CA TRP A 238 -7.18 19.54 5.52
C TRP A 238 -5.74 19.75 5.08
N LYS A 239 -5.01 20.65 5.74
CA LYS A 239 -3.59 20.85 5.45
C LYS A 239 -2.78 19.59 5.70
N ALA A 240 -3.25 18.72 6.61
CA ALA A 240 -2.59 17.43 6.85
C ALA A 240 -2.93 16.39 5.78
N PHE A 241 -4.06 16.53 5.09
CA PHE A 241 -4.57 15.45 4.26
C PHE A 241 -3.76 15.28 2.98
N TRP A 242 -3.44 16.38 2.31
CA TRP A 242 -2.71 16.28 1.06
C TRP A 242 -1.27 15.86 1.28
N ASN A 243 -0.70 16.22 2.43
CA ASN A 243 0.70 15.89 2.71
C ASN A 243 0.83 14.75 3.73
N ILE A 244 -0.24 13.95 3.91
CA ILE A 244 -0.09 12.67 4.59
C ILE A 244 0.79 11.71 3.80
N THR A 245 1.00 11.95 2.51
CA THR A 245 1.98 11.21 1.73
C THR A 245 3.37 11.85 1.79
N GLU A 246 3.65 12.62 2.84
CA GLU A 246 4.97 13.21 3.06
C GLU A 246 5.70 12.63 4.25
N MET A 247 5.01 12.08 5.24
CA MET A 247 5.68 11.64 6.45
C MET A 247 6.53 10.42 6.14
N GLU A 248 7.56 10.21 6.97
CA GLU A 248 8.74 9.47 6.57
C GLU A 248 8.49 7.97 6.39
N VAL A 249 7.32 7.47 6.78
CA VAL A 249 6.99 6.07 6.52
C VAL A 249 6.34 5.91 5.15
N LEU A 250 5.30 6.70 4.84
CA LEU A 250 4.62 6.59 3.56
C LEU A 250 5.39 7.21 2.40
N SER A 251 6.17 8.27 2.64
CA SER A 251 7.02 8.79 1.56
C SER A 251 8.08 7.77 1.15
N SER A 252 8.58 6.97 2.09
CA SER A 252 9.48 5.88 1.78
C SER A 252 8.75 4.68 1.18
N LEU A 253 7.52 4.42 1.65
CA LEU A 253 6.77 3.26 1.21
C LEU A 253 6.02 3.47 -0.10
N ALA A 254 6.01 4.69 -0.63
CA ALA A 254 5.37 4.97 -1.90
C ALA A 254 6.35 4.96 -3.07
N ASN A 255 7.61 4.57 -2.84
CA ASN A 255 8.66 4.77 -3.82
C ASN A 255 9.14 3.50 -4.50
N MET A 256 8.55 2.34 -4.21
CA MET A 256 8.94 1.15 -4.97
C MET A 256 8.35 1.16 -6.37
N ALA A 257 7.19 1.79 -6.57
CA ALA A 257 6.66 1.95 -7.92
C ALA A 257 7.40 3.02 -8.70
N SER A 258 8.15 3.89 -8.02
CA SER A 258 8.94 4.90 -8.70
C SER A 258 10.11 4.26 -9.45
N ALA A 259 10.48 4.87 -10.57
CA ALA A 259 11.52 4.33 -11.44
C ALA A 259 12.91 4.61 -10.86
N THR A 260 13.93 4.13 -11.57
CA THR A 260 15.31 4.30 -11.11
C THR A 260 15.78 5.74 -11.30
N VAL A 261 16.73 6.15 -10.47
CA VAL A 261 17.20 7.53 -10.43
C VAL A 261 18.58 7.54 -9.79
N ARG A 262 19.29 8.66 -9.96
CA ARG A 262 20.45 8.97 -9.13
C ARG A 262 20.42 10.39 -8.58
N VAL A 263 19.93 11.36 -9.36
CA VAL A 263 20.00 12.77 -9.00
C VAL A 263 18.64 13.16 -8.41
N SER A 264 18.61 13.32 -7.09
CA SER A 264 17.40 13.71 -6.38
C SER A 264 17.73 14.76 -5.33
N ARG A 265 18.51 15.77 -5.73
CA ARG A 265 19.12 16.71 -4.82
C ARG A 265 18.34 18.02 -4.75
N LEU A 266 18.22 18.56 -3.54
CA LEU A 266 17.61 19.86 -3.33
C LEU A 266 18.61 20.97 -3.68
N LEU A 267 18.09 22.18 -3.82
CA LEU A 267 18.92 23.36 -4.04
C LEU A 267 18.51 24.44 -3.07
N SER A 268 19.28 25.52 -3.06
CA SER A 268 18.99 26.69 -2.21
C SER A 268 19.45 27.93 -2.97
N LEU A 269 18.48 28.66 -3.53
CA LEU A 269 18.79 29.84 -4.32
C LEU A 269 19.08 31.04 -3.41
N PRO A 270 19.97 31.93 -3.86
CA PRO A 270 20.30 33.12 -3.05
C PRO A 270 19.15 34.11 -3.03
N PRO A 271 18.91 34.77 -1.88
CA PRO A 271 17.84 35.76 -1.77
C PRO A 271 18.27 37.17 -2.20
N GLU A 272 18.86 37.27 -3.39
CA GLU A 272 19.27 38.55 -3.93
C GLU A 272 19.00 38.58 -5.43
N ALA A 273 18.69 39.77 -5.94
CA ALA A 273 18.32 39.92 -7.34
C ALA A 273 19.54 39.76 -8.25
N PHE A 274 19.27 39.56 -9.53
CA PHE A 274 20.32 39.42 -10.53
C PHE A 274 19.85 40.10 -11.81
N GLU A 275 20.56 39.85 -12.90
CA GLU A 275 20.37 40.54 -14.16
C GLU A 275 19.68 39.63 -15.17
N MET A 276 18.68 40.17 -15.85
CA MET A 276 17.95 39.43 -16.87
C MET A 276 17.47 40.36 -17.96
N PRO A 277 17.62 39.98 -19.24
CA PRO A 277 17.22 40.88 -20.33
C PRO A 277 15.77 40.70 -20.75
N LEU A 278 15.37 41.41 -21.80
CA LEU A 278 14.03 41.29 -22.37
C LEU A 278 14.14 41.14 -23.88
N THR A 279 13.16 40.43 -24.46
CA THR A 279 13.24 40.04 -25.86
C THR A 279 13.03 41.22 -26.82
N ALA A 280 12.34 42.27 -26.37
CA ALA A 280 12.08 43.42 -27.25
C ALA A 280 13.37 44.14 -27.62
N ASP A 281 14.37 44.12 -26.75
CA ASP A 281 15.69 44.67 -27.05
C ASP A 281 16.73 43.91 -26.24
N PRO A 282 17.56 43.08 -26.89
CA PRO A 282 18.57 42.31 -26.15
C PRO A 282 19.61 43.18 -25.44
N THR A 283 19.90 44.37 -25.97
CA THR A 283 20.88 45.25 -25.34
C THR A 283 20.34 45.89 -24.06
N LEU A 284 19.03 45.89 -23.84
CA LEU A 284 18.43 46.44 -22.63
C LEU A 284 17.98 45.31 -21.73
N THR A 285 18.30 45.42 -20.45
CA THR A 285 17.91 44.46 -19.44
C THR A 285 17.07 45.14 -18.37
N VAL A 286 16.29 44.33 -17.65
CA VAL A 286 15.41 44.83 -16.59
C VAL A 286 15.74 44.07 -15.31
N THR A 287 15.91 44.80 -14.22
CA THR A 287 16.21 44.23 -12.91
C THR A 287 14.95 44.26 -12.07
N ILE A 288 14.58 43.10 -11.51
CA ILE A 288 13.38 42.96 -10.68
C ILE A 288 13.79 42.40 -9.34
N SER A 289 13.22 42.97 -8.28
CA SER A 289 13.59 42.68 -6.90
C SER A 289 13.25 41.22 -6.54
N PRO A 290 13.92 40.66 -5.53
CA PRO A 290 13.58 39.31 -5.05
C PRO A 290 12.19 39.28 -4.44
N PRO A 291 11.64 38.08 -4.16
CA PRO A 291 10.35 38.03 -3.47
C PRO A 291 10.46 38.52 -2.04
N LEU A 292 9.95 39.73 -1.80
CA LEU A 292 10.00 40.32 -0.46
C LEU A 292 8.72 40.04 0.32
N ALA A 293 7.57 40.47 -0.22
CA ALA A 293 6.26 40.35 0.42
C ALA A 293 6.27 40.96 1.81
N HIS A 294 6.96 42.10 1.93
CA HIS A 294 7.21 42.88 3.16
C HIS A 294 7.56 42.03 4.38
N THR A 295 8.30 40.94 4.18
CA THR A 295 8.76 40.11 5.28
C THR A 295 10.18 39.60 5.10
N GLY A 296 10.90 40.02 4.06
CA GLY A 296 12.27 39.62 3.86
C GLY A 296 12.40 38.42 2.95
N PRO A 297 13.22 38.53 1.91
CA PRO A 297 13.45 37.40 1.01
C PRO A 297 14.19 36.27 1.71
N GLY A 298 13.86 35.04 1.30
CA GLY A 298 14.46 33.87 1.89
C GLY A 298 14.99 32.91 0.84
N PRO A 299 15.15 31.64 1.21
CA PRO A 299 15.69 30.65 0.28
C PRO A 299 14.63 30.01 -0.61
N VAL A 300 14.74 30.26 -1.91
CA VAL A 300 13.80 29.69 -2.87
C VAL A 300 14.20 28.23 -3.03
N LEU A 301 13.47 27.35 -2.34
CA LEU A 301 13.85 25.95 -2.24
C LEU A 301 13.28 25.18 -3.41
N VAL A 302 14.15 24.84 -4.35
CA VAL A 302 13.80 24.01 -5.49
C VAL A 302 14.53 22.69 -5.33
N ARG A 303 14.21 21.73 -6.19
CA ARG A 303 14.93 20.45 -6.15
C ARG A 303 14.97 19.83 -7.53
N LEU A 304 16.16 19.40 -7.93
CA LEU A 304 16.42 18.87 -9.26
C LEU A 304 16.26 17.35 -9.27
N ILE A 305 15.43 16.85 -10.15
CA ILE A 305 15.25 15.42 -10.37
C ILE A 305 15.67 15.15 -11.81
N SER A 306 16.73 14.37 -11.98
CA SER A 306 17.25 14.04 -13.30
C SER A 306 17.54 12.56 -13.37
N TYR A 307 17.52 12.03 -14.60
CA TYR A 307 17.76 10.60 -14.79
C TYR A 307 19.22 10.24 -14.54
N ASP A 308 20.15 11.05 -15.06
CA ASP A 308 21.57 10.81 -14.90
C ASP A 308 22.27 12.12 -14.57
N LEU A 309 23.55 12.03 -14.25
CA LEU A 309 24.38 13.22 -14.07
C LEU A 309 24.70 13.80 -15.44
N ARG A 310 24.38 15.08 -15.63
CA ARG A 310 24.53 15.73 -16.93
C ARG A 310 25.82 16.54 -16.99
N GLU A 311 26.12 17.05 -18.18
CA GLU A 311 27.39 17.73 -18.41
C GLU A 311 27.42 19.09 -17.71
N GLY A 312 28.50 19.34 -16.98
CA GLY A 312 28.65 20.60 -16.28
C GLY A 312 27.71 20.78 -15.11
N GLN A 313 27.12 19.70 -14.62
CA GLN A 313 26.12 19.76 -13.57
C GLN A 313 26.59 19.21 -12.23
N ASP A 314 27.37 18.14 -12.23
CA ASP A 314 27.87 17.53 -10.99
C ASP A 314 29.10 18.23 -10.43
N SER A 315 29.40 19.45 -10.88
CA SER A 315 30.58 20.18 -10.44
C SER A 315 30.27 20.91 -9.12
N GLU A 316 31.16 21.81 -8.72
CA GLU A 316 31.03 22.48 -7.42
C GLU A 316 29.92 23.53 -7.41
N GLU A 317 29.57 24.09 -8.58
CA GLU A 317 28.57 25.16 -8.62
C GLU A 317 27.19 24.66 -8.22
N LEU A 318 26.89 23.39 -8.46
CA LEU A 318 25.67 22.79 -7.92
C LEU A 318 25.90 22.16 -6.56
N SER A 319 27.12 21.67 -6.29
CA SER A 319 27.41 21.03 -5.02
C SER A 319 27.48 22.01 -3.85
N SER A 320 27.57 23.31 -4.11
CA SER A 320 27.69 24.30 -3.05
C SER A 320 26.34 24.85 -2.58
N LEU A 321 25.22 24.33 -3.06
CA LEU A 321 23.92 24.89 -2.72
C LEU A 321 22.95 23.89 -2.09
N ILE A 322 23.40 22.72 -1.69
CA ILE A 322 22.50 21.75 -1.07
C ILE A 322 22.27 22.18 0.38
N LYS A 323 21.00 22.32 0.76
CA LYS A 323 20.66 22.70 2.13
C LYS A 323 20.73 21.49 3.05
N SER A 324 21.30 21.70 4.23
CA SER A 324 21.47 20.63 5.20
C SER A 324 20.14 20.27 5.86
N GLN A 337 30.50 8.35 -15.63
CA GLN A 337 30.41 9.18 -16.83
C GLN A 337 29.39 10.29 -16.65
N GLN A 338 29.22 11.10 -17.69
CA GLN A 338 28.31 12.24 -17.64
C GLN A 338 27.46 12.28 -18.90
N ALA A 339 26.17 12.52 -18.72
CA ALA A 339 25.27 12.75 -19.82
C ALA A 339 25.60 14.09 -20.50
N PRO A 340 25.39 14.21 -21.83
CA PRO A 340 25.93 15.38 -22.53
C PRO A 340 25.13 16.65 -22.31
N ARG A 341 25.42 17.68 -23.13
CA ARG A 341 24.71 18.95 -23.00
C ARG A 341 23.23 18.76 -23.30
N SER A 342 22.39 19.05 -22.31
CA SER A 342 20.97 18.81 -22.42
C SER A 342 20.32 19.80 -23.37
N ARG A 343 19.08 19.52 -23.74
CA ARG A 343 18.38 20.30 -24.76
C ARG A 343 17.29 21.19 -24.19
N SER A 344 16.50 20.70 -23.24
CA SER A 344 15.41 21.51 -22.70
C SER A 344 15.03 21.00 -21.33
N LEU A 345 15.16 21.85 -20.32
CA LEU A 345 14.69 21.50 -18.99
C LEU A 345 13.17 21.60 -18.93
N ILE A 346 12.59 20.89 -17.95
CA ILE A 346 11.15 20.92 -17.71
C ILE A 346 10.93 21.49 -16.32
N VAL A 347 10.23 22.61 -16.24
CA VAL A 347 9.87 23.21 -14.97
C VAL A 347 8.67 22.46 -14.43
N HIS A 348 8.45 22.50 -13.11
CA HIS A 348 7.29 21.85 -12.53
C HIS A 348 6.87 22.61 -11.28
N PHE A 349 5.57 22.87 -11.16
CA PHE A 349 4.95 23.38 -9.94
C PHE A 349 3.98 22.33 -9.44
N HIS A 350 4.05 22.00 -8.15
CA HIS A 350 3.17 20.99 -7.62
C HIS A 350 1.75 21.54 -7.44
N GLY A 351 0.83 20.65 -7.10
CA GLY A 351 -0.54 21.03 -6.84
C GLY A 351 -0.83 21.13 -5.35
N GLY A 352 -1.76 20.33 -4.88
CA GLY A 352 -2.07 20.27 -3.46
C GLY A 352 -2.72 21.50 -2.86
N GLY A 353 -3.64 22.13 -3.59
CA GLY A 353 -4.53 23.15 -3.04
C GLY A 353 -3.88 24.41 -2.56
N PHE A 354 -2.63 24.70 -2.96
CA PHE A 354 -1.81 25.81 -2.49
C PHE A 354 -1.62 25.84 -0.99
N VAL A 355 -1.94 24.76 -0.29
CA VAL A 355 -1.83 24.71 1.16
C VAL A 355 -1.02 23.52 1.65
N ALA A 356 -0.81 22.50 0.82
CA ALA A 356 -0.09 21.30 1.25
C ALA A 356 0.50 20.63 0.01
N GLN A 357 0.97 19.40 0.19
CA GLN A 357 1.54 18.56 -0.87
C GLN A 357 2.74 19.26 -1.54
N THR A 358 3.81 19.38 -0.76
CA THR A 358 5.04 20.00 -1.24
C THR A 358 5.73 19.09 -2.25
N SER A 359 6.91 19.51 -2.70
CA SER A 359 7.58 18.81 -3.80
C SER A 359 8.12 17.45 -3.42
N ARG A 360 8.10 17.08 -2.13
CA ARG A 360 8.58 15.78 -1.69
C ARG A 360 7.55 14.66 -1.89
N SER A 361 6.50 14.87 -2.68
CA SER A 361 5.40 13.93 -2.77
C SER A 361 5.09 13.49 -4.19
N HIS A 362 5.53 14.27 -5.18
CA HIS A 362 5.12 14.01 -6.55
C HIS A 362 6.15 13.20 -7.34
N GLU A 363 7.22 12.73 -6.69
CA GLU A 363 8.20 11.89 -7.38
C GLU A 363 7.68 10.61 -8.02
N PRO A 364 6.82 9.78 -7.39
CA PRO A 364 6.49 8.47 -7.98
C PRO A 364 5.91 8.51 -9.40
N TYR A 365 5.48 9.67 -9.88
CA TYR A 365 5.29 9.87 -11.32
C TYR A 365 6.30 10.86 -11.91
N LEU A 366 6.97 11.67 -11.10
CA LEU A 366 8.04 12.52 -11.61
C LEU A 366 9.25 11.69 -12.02
N LYS A 367 9.58 10.63 -11.26
CA LYS A 367 10.66 9.75 -11.66
C LYS A 367 10.26 8.95 -12.90
N SER A 368 8.97 8.60 -12.99
CA SER A 368 8.47 7.93 -14.18
C SER A 368 8.32 8.90 -15.35
N TRP A 369 8.32 10.20 -15.07
CA TRP A 369 8.33 11.17 -16.17
C TRP A 369 9.70 11.20 -16.85
N ALA A 370 10.77 11.17 -16.06
CA ALA A 370 12.13 11.33 -16.58
C ALA A 370 12.62 10.11 -17.37
N GLN A 371 11.89 9.00 -17.36
CA GLN A 371 12.33 7.81 -18.07
C GLN A 371 12.30 8.02 -19.59
N GLU A 372 11.27 8.66 -20.11
CA GLU A 372 11.15 8.86 -21.55
C GLU A 372 11.40 10.29 -21.99
N LEU A 373 11.16 11.28 -21.11
CA LEU A 373 11.34 12.67 -21.51
C LEU A 373 12.81 13.01 -21.68
N GLY A 374 13.66 12.53 -20.78
CA GLY A 374 15.08 12.87 -20.82
C GLY A 374 15.36 14.34 -20.56
N ALA A 375 14.69 14.90 -19.56
CA ALA A 375 14.85 16.31 -19.22
C ALA A 375 15.06 16.47 -17.73
N PRO A 376 15.92 17.40 -17.32
CA PRO A 376 16.11 17.65 -15.88
C PRO A 376 14.92 18.37 -15.27
N ILE A 377 14.10 17.65 -14.52
CA ILE A 377 12.83 18.16 -14.04
C ILE A 377 13.05 18.85 -12.70
N ILE A 378 13.12 20.18 -12.70
CA ILE A 378 13.27 20.95 -11.47
C ILE A 378 11.86 21.17 -10.93
N SER A 379 11.51 20.41 -9.90
CA SER A 379 10.18 20.46 -9.32
C SER A 379 10.18 21.50 -8.20
N ILE A 380 9.78 22.72 -8.53
CA ILE A 380 9.88 23.84 -7.60
C ILE A 380 8.90 23.65 -6.45
N ASP A 381 9.41 23.73 -5.22
CA ASP A 381 8.55 23.75 -4.04
C ASP A 381 8.32 25.22 -3.70
N TYR A 382 7.27 25.79 -4.25
CA TYR A 382 6.90 27.16 -3.90
C TYR A 382 6.25 27.18 -2.52
N SER A 383 6.15 28.37 -1.94
CA SER A 383 5.56 28.53 -0.62
C SER A 383 4.05 28.34 -0.70
N LEU A 384 3.45 28.06 0.45
CA LEU A 384 2.06 27.62 0.52
C LEU A 384 1.21 28.57 1.34
N ALA A 385 -0.05 28.72 0.91
CA ALA A 385 -1.04 29.49 1.63
C ALA A 385 -1.46 28.76 2.91
N PRO A 386 -2.00 29.47 3.93
CA PRO A 386 -2.27 30.92 4.05
C PRO A 386 -1.14 31.72 4.71
N GLU A 387 -0.15 31.07 5.31
CA GLU A 387 0.95 31.79 5.94
C GLU A 387 1.83 32.48 4.91
N ALA A 388 1.85 31.99 3.68
CA ALA A 388 2.57 32.63 2.57
C ALA A 388 1.62 32.74 1.39
N PRO A 389 0.69 33.70 1.42
CA PRO A 389 -0.26 33.85 0.32
C PRO A 389 0.33 34.64 -0.83
N PHE A 390 -0.47 34.99 -1.82
CA PHE A 390 -0.01 35.89 -2.86
C PHE A 390 0.29 37.27 -2.25
N PRO A 391 1.29 37.97 -2.77
CA PRO A 391 2.16 37.65 -3.91
C PRO A 391 3.42 36.87 -3.55
N ARG A 392 3.63 36.46 -2.30
CA ARG A 392 4.78 35.63 -1.96
C ARG A 392 4.71 34.28 -2.65
N ALA A 393 3.52 33.68 -2.70
CA ALA A 393 3.35 32.37 -3.31
C ALA A 393 3.53 32.37 -4.83
N LEU A 394 3.56 33.54 -5.47
CA LEU A 394 3.69 33.63 -6.92
C LEU A 394 5.00 34.29 -7.35
N GLU A 395 5.81 34.79 -6.42
CA GLU A 395 7.04 35.49 -6.78
C GLU A 395 8.28 34.63 -6.64
N GLU A 396 8.32 33.71 -5.67
CA GLU A 396 9.49 32.84 -5.55
C GLU A 396 9.51 31.77 -6.63
N CYS A 397 8.34 31.38 -7.15
CA CYS A 397 8.32 30.59 -8.35
C CYS A 397 8.51 31.44 -9.58
N PHE A 398 8.27 32.75 -9.47
CA PHE A 398 8.73 33.67 -10.49
C PHE A 398 10.24 33.90 -10.39
N PHE A 399 10.79 33.84 -9.19
CA PHE A 399 12.24 33.95 -9.03
C PHE A 399 12.97 32.68 -9.48
N ALA A 400 12.44 31.51 -9.14
CA ALA A 400 13.06 30.24 -9.51
C ALA A 400 13.02 30.02 -11.01
N TYR A 401 11.90 30.37 -11.65
CA TYR A 401 11.84 30.29 -13.10
C TYR A 401 12.79 31.30 -13.73
N CYS A 402 12.92 32.48 -13.14
CA CYS A 402 13.84 33.49 -13.66
C CYS A 402 15.29 33.08 -13.47
N TRP A 403 15.61 32.35 -12.40
CA TRP A 403 16.98 31.92 -12.16
C TRP A 403 17.40 30.78 -13.09
N ALA A 404 16.45 30.11 -13.74
CA ALA A 404 16.73 28.90 -14.49
C ALA A 404 16.94 29.14 -15.99
N ILE A 405 16.94 30.38 -16.47
CA ILE A 405 17.35 30.62 -17.85
C ILE A 405 18.83 31.02 -17.93
N LYS A 406 19.42 31.42 -16.81
CA LYS A 406 20.80 31.90 -16.80
C LYS A 406 21.75 30.90 -16.16
N HIS A 407 21.31 30.25 -15.09
CA HIS A 407 22.05 29.17 -14.45
C HIS A 407 21.61 27.82 -15.03
N CYS A 408 21.68 27.75 -16.36
CA CYS A 408 21.25 26.55 -17.07
C CYS A 408 22.25 25.41 -16.93
N ALA A 409 23.54 25.70 -17.03
CA ALA A 409 24.55 24.67 -16.83
C ALA A 409 24.59 24.22 -15.38
N LEU A 410 24.25 25.12 -14.46
CA LEU A 410 24.17 24.77 -13.04
C LEU A 410 23.05 23.77 -12.78
N LEU A 411 21.98 23.82 -13.57
CA LEU A 411 20.90 22.83 -13.50
C LEU A 411 21.09 21.71 -14.52
N GLY A 412 22.20 21.70 -15.24
CA GLY A 412 22.43 20.69 -16.26
C GLY A 412 21.52 20.83 -17.47
N SER A 413 21.23 22.06 -17.90
CA SER A 413 20.39 22.29 -19.06
C SER A 413 21.02 23.33 -19.97
N THR A 414 20.34 23.66 -21.07
CA THR A 414 20.82 24.66 -22.01
C THR A 414 20.01 25.94 -21.95
N GLY A 415 18.68 25.83 -22.04
CA GLY A 415 17.81 26.99 -21.93
C GLY A 415 17.34 27.56 -23.25
N GLU A 416 17.68 26.94 -24.38
CA GLU A 416 17.16 27.40 -25.66
C GLU A 416 15.72 26.94 -25.90
N ARG A 417 15.19 26.07 -25.04
CA ARG A 417 13.78 25.72 -25.07
C ARG A 417 13.33 25.35 -23.68
N ILE A 418 12.18 25.89 -23.28
CA ILE A 418 11.61 25.66 -21.96
C ILE A 418 10.27 24.97 -22.13
N CYS A 419 9.99 24.02 -21.24
CA CYS A 419 8.68 23.39 -21.15
C CYS A 419 8.11 23.67 -19.78
N LEU A 420 6.84 23.31 -19.58
CA LEU A 420 6.17 23.54 -18.33
C LEU A 420 5.28 22.36 -17.96
N ALA A 421 4.92 22.31 -16.69
CA ALA A 421 4.04 21.26 -16.18
C ALA A 421 3.12 21.87 -15.13
N GLY A 422 1.98 21.22 -14.93
CA GLY A 422 1.00 21.68 -13.98
C GLY A 422 0.34 20.50 -13.31
N ASP A 423 -0.38 20.81 -12.23
CA ASP A 423 -0.91 19.79 -11.34
C ASP A 423 -2.28 20.24 -10.86
N SER A 424 -2.75 19.64 -9.76
CA SER A 424 -4.11 19.81 -9.26
C SER A 424 -4.47 21.27 -9.04
N ALA A 425 -3.72 21.97 -8.19
CA ALA A 425 -3.90 23.39 -8.01
C ALA A 425 -2.86 24.22 -8.74
N GLY A 426 -1.67 23.67 -8.98
CA GLY A 426 -0.64 24.39 -9.68
C GLY A 426 -0.83 24.42 -11.19
N GLY A 427 -2.05 24.71 -11.62
CA GLY A 427 -2.34 24.93 -13.02
C GLY A 427 -2.58 26.40 -13.29
N ASN A 428 -3.24 27.09 -12.35
CA ASN A 428 -3.34 28.54 -12.45
C ASN A 428 -1.98 29.20 -12.21
N LEU A 429 -1.18 28.62 -11.32
CA LEU A 429 0.20 29.08 -11.14
C LEU A 429 1.05 28.70 -12.33
N CYS A 430 0.68 27.64 -13.04
CA CYS A 430 1.33 27.31 -14.30
C CYS A 430 1.00 28.33 -15.38
N PHE A 431 -0.24 28.85 -15.37
CA PHE A 431 -0.65 29.88 -16.33
C PHE A 431 -0.06 31.24 -15.99
N THR A 432 -0.10 31.61 -14.70
CA THR A 432 0.18 32.99 -14.31
C THR A 432 1.66 33.34 -14.46
N VAL A 433 2.56 32.44 -14.05
CA VAL A 433 3.99 32.72 -14.17
C VAL A 433 4.46 32.63 -15.60
N ALA A 434 3.67 32.03 -16.49
CA ALA A 434 4.00 31.97 -17.90
C ALA A 434 3.35 33.09 -18.69
N LEU A 435 2.65 34.00 -18.03
CA LEU A 435 1.94 35.06 -18.74
C LEU A 435 2.39 36.43 -18.23
N ARG A 436 2.70 36.54 -16.95
CA ARG A 436 3.29 37.77 -16.43
C ARG A 436 4.74 37.94 -16.83
N ALA A 437 5.40 36.87 -17.27
CA ALA A 437 6.71 37.02 -17.88
C ALA A 437 6.63 37.76 -19.21
N ALA A 438 5.52 37.59 -19.95
CA ALA A 438 5.32 38.32 -21.19
C ALA A 438 5.10 39.81 -20.94
N ALA A 439 4.65 40.19 -19.74
CA ALA A 439 4.57 41.58 -19.36
C ALA A 439 5.93 42.19 -19.05
N TYR A 440 6.96 41.36 -18.89
CA TYR A 440 8.30 41.83 -18.56
C TYR A 440 9.26 41.79 -19.75
N GLY A 441 8.88 41.13 -20.85
CA GLY A 441 9.71 41.04 -22.02
C GLY A 441 10.63 39.85 -22.08
N VAL A 442 10.75 39.08 -20.99
CA VAL A 442 11.57 37.88 -21.00
C VAL A 442 10.87 36.79 -21.80
N ARG A 443 11.66 35.97 -22.50
CA ARG A 443 11.16 34.89 -23.35
C ARG A 443 10.29 33.91 -22.59
N VAL A 444 8.99 33.89 -22.91
CA VAL A 444 8.02 33.01 -22.28
C VAL A 444 8.19 31.60 -22.82
N PRO A 445 7.75 30.56 -22.11
CA PRO A 445 7.78 29.22 -22.69
C PRO A 445 6.78 29.08 -23.82
N ASP A 446 6.95 28.01 -24.59
CA ASP A 446 6.08 27.76 -25.73
C ASP A 446 5.12 26.61 -25.50
N GLY A 447 4.85 26.29 -24.24
CA GLY A 447 3.90 25.23 -23.93
C GLY A 447 3.40 25.31 -22.52
N ILE A 448 2.20 24.80 -22.31
CA ILE A 448 1.56 24.73 -20.99
C ILE A 448 0.91 23.35 -20.90
N MET A 449 1.20 22.62 -19.83
CA MET A 449 0.55 21.34 -19.57
C MET A 449 0.05 21.41 -18.13
N ALA A 450 -1.19 21.85 -17.96
CA ALA A 450 -1.84 21.90 -16.66
C ALA A 450 -2.99 20.92 -16.63
N ALA A 451 -2.95 20.00 -15.67
CA ALA A 451 -3.98 18.98 -15.52
C ALA A 451 -4.97 19.39 -14.45
N TYR A 452 -6.26 19.45 -14.82
CA TYR A 452 -7.43 19.88 -14.05
C TYR A 452 -7.13 21.08 -13.14
N PRO A 453 -6.87 22.25 -13.70
CA PRO A 453 -6.44 23.39 -12.90
C PRO A 453 -7.60 24.08 -12.20
N ALA A 454 -7.25 24.84 -11.16
CA ALA A 454 -8.22 25.64 -10.39
C ALA A 454 -8.16 27.07 -10.93
N THR A 455 -8.81 27.28 -12.06
CA THR A 455 -8.56 28.49 -12.85
C THR A 455 -9.66 29.53 -12.60
N MET A 456 -10.62 29.19 -11.75
CA MET A 456 -11.83 29.96 -11.42
C MET A 456 -11.97 30.12 -9.91
N LEU A 457 -10.90 30.61 -9.28
CA LEU A 457 -10.90 30.85 -7.84
C LEU A 457 -11.93 31.89 -7.40
N GLN A 458 -12.44 32.71 -8.32
CA GLN A 458 -13.58 33.56 -8.02
C GLN A 458 -14.80 32.70 -7.73
N PRO A 459 -15.45 32.87 -6.58
CA PRO A 459 -16.59 32.00 -6.22
C PRO A 459 -17.84 32.32 -7.05
N ALA A 460 -18.37 31.30 -7.71
CA ALA A 460 -19.59 31.46 -8.50
C ALA A 460 -20.23 30.10 -8.69
N ALA A 461 -21.56 30.09 -8.80
CA ALA A 461 -22.29 28.85 -9.03
C ALA A 461 -22.13 28.37 -10.47
N SER A 462 -22.16 27.05 -10.63
CA SER A 462 -21.97 26.43 -11.93
C SER A 462 -22.61 25.04 -11.89
N PRO A 463 -23.03 24.51 -13.06
CA PRO A 463 -23.61 23.16 -13.07
C PRO A 463 -22.63 22.08 -12.63
N SER A 464 -21.37 22.19 -13.01
CA SER A 464 -20.38 21.20 -12.62
C SER A 464 -19.84 21.43 -11.21
N ARG A 465 -20.00 22.64 -10.67
CA ARG A 465 -19.69 22.86 -9.28
C ARG A 465 -20.85 22.45 -8.37
N LEU A 466 -21.98 22.02 -8.94
CA LEU A 466 -23.06 21.48 -8.13
C LEU A 466 -22.73 20.10 -7.61
N LEU A 467 -21.89 19.35 -8.32
CA LEU A 467 -21.43 18.04 -7.87
C LEU A 467 -20.14 18.13 -7.06
N SER A 468 -20.14 19.08 -6.12
CA SER A 468 -19.06 19.25 -5.17
C SER A 468 -19.44 18.81 -3.78
N LEU A 469 -20.72 18.53 -3.53
CA LEU A 469 -21.19 18.01 -2.26
C LEU A 469 -21.26 16.49 -2.22
N MET A 470 -20.95 15.83 -3.34
CA MET A 470 -21.11 14.39 -3.46
C MET A 470 -19.81 13.64 -3.74
N ASP A 471 -18.71 14.33 -4.02
CA ASP A 471 -17.49 13.68 -4.42
C ASP A 471 -16.84 12.93 -3.25
N PRO A 472 -16.14 11.81 -3.52
CA PRO A 472 -15.59 10.99 -2.44
C PRO A 472 -14.47 11.64 -1.64
N LEU A 473 -13.48 12.18 -2.36
CA LEU A 473 -12.31 12.74 -1.69
C LEU A 473 -12.53 14.12 -1.08
N LEU A 474 -13.25 14.99 -1.75
CA LEU A 474 -13.39 16.36 -1.25
C LEU A 474 -14.82 16.87 -1.18
N PRO A 475 -15.15 17.55 -0.07
CA PRO A 475 -16.48 18.15 0.04
C PRO A 475 -16.46 19.56 -0.49
N LEU A 476 -17.62 20.19 -0.59
CA LEU A 476 -17.70 21.56 -1.09
C LEU A 476 -16.80 22.51 -0.32
N SER A 477 -16.41 22.14 0.89
CA SER A 477 -15.61 23.06 1.70
C SER A 477 -14.13 23.00 1.40
N VAL A 478 -13.68 22.10 0.54
CA VAL A 478 -12.26 22.09 0.17
C VAL A 478 -11.92 23.33 -0.64
N LEU A 479 -12.71 23.64 -1.67
CA LEU A 479 -12.43 24.80 -2.50
C LEU A 479 -12.99 26.09 -1.93
N SER A 480 -13.94 25.99 -1.01
CA SER A 480 -14.45 27.18 -0.35
C SER A 480 -13.39 27.80 0.56
N LYS A 481 -12.59 26.96 1.23
CA LYS A 481 -11.54 27.42 2.12
C LYS A 481 -10.16 27.43 1.47
N CYS A 482 -10.05 26.98 0.22
CA CYS A 482 -8.78 27.11 -0.49
C CYS A 482 -8.54 28.54 -0.95
N VAL A 483 -9.59 29.23 -1.41
CA VAL A 483 -9.43 30.61 -1.83
C VAL A 483 -9.46 31.58 -0.65
N SER A 484 -9.91 31.15 0.52
CA SER A 484 -9.76 31.98 1.71
C SER A 484 -8.29 32.02 2.14
N ALA A 485 -7.58 30.91 1.97
CA ALA A 485 -6.17 30.86 2.30
C ALA A 485 -5.33 31.62 1.29
N TYR A 486 -5.63 31.46 -0.01
CA TYR A 486 -4.85 32.11 -1.06
C TYR A 486 -5.01 33.63 -1.02
N ALA A 487 -6.24 34.12 -0.90
CA ALA A 487 -6.46 35.56 -0.90
C ALA A 487 -6.19 36.22 0.44
N GLY A 488 -5.93 35.45 1.49
CA GLY A 488 -5.66 36.00 2.80
C GLY A 488 -6.84 36.72 3.41
N ALA A 489 -8.02 36.10 3.36
CA ALA A 489 -9.22 36.68 3.92
C ALA A 489 -9.13 36.77 5.45
N LYS A 490 -9.74 37.81 5.99
CA LYS A 490 -9.73 38.04 7.44
C LYS A 490 -11.00 37.47 8.06
N THR A 491 -10.82 36.68 9.12
CA THR A 491 -11.95 36.08 9.82
C THR A 491 -12.52 37.03 10.87
N ALA A 638 -39.83 30.06 -7.54
CA ALA A 638 -39.85 29.30 -6.31
C ALA A 638 -38.63 28.39 -6.21
N ALA A 639 -38.23 28.09 -4.97
CA ALA A 639 -37.09 27.19 -4.76
C ALA A 639 -37.43 25.76 -5.17
N PHE A 640 -38.66 25.32 -4.88
CA PHE A 640 -39.09 23.97 -5.18
C PHE A 640 -40.61 23.95 -5.26
N PRO A 641 -41.19 23.08 -6.08
CA PRO A 641 -42.66 22.97 -6.11
C PRO A 641 -43.20 22.40 -4.81
N GLU A 642 -44.46 22.73 -4.55
CA GLU A 642 -45.12 22.28 -3.32
C GLU A 642 -45.35 20.78 -3.35
N GLY A 643 -45.18 20.15 -2.18
CA GLY A 643 -45.34 18.73 -2.04
C GLY A 643 -44.09 17.91 -2.25
N PHE A 644 -43.00 18.53 -2.73
CA PHE A 644 -41.73 17.85 -2.93
C PHE A 644 -40.79 18.27 -1.81
N HIS A 645 -40.34 17.30 -1.02
CA HIS A 645 -39.48 17.62 0.10
C HIS A 645 -38.57 16.43 0.44
N PRO A 646 -37.36 16.39 -0.11
CA PRO A 646 -36.38 15.39 0.33
C PRO A 646 -35.77 15.78 1.67
N ARG A 647 -34.81 15.00 2.15
CA ARG A 647 -34.15 15.33 3.42
C ARG A 647 -33.30 16.59 3.24
N ARG A 648 -33.41 17.50 4.20
CA ARG A 648 -32.75 18.79 4.15
C ARG A 648 -31.78 18.94 5.31
N SER A 649 -30.70 19.67 5.08
CA SER A 649 -29.63 19.84 6.07
C SER A 649 -30.09 20.86 7.09
N SER A 650 -30.48 20.39 8.27
CA SER A 650 -30.93 21.25 9.36
C SER A 650 -29.88 21.40 10.44
N GLN A 651 -28.64 20.98 10.17
CA GLN A 651 -27.56 21.03 11.17
C GLN A 651 -26.84 22.39 11.17
N GLY A 652 -27.62 23.46 11.30
CA GLY A 652 -27.05 24.80 11.36
C GLY A 652 -26.74 25.38 10.00
N ALA A 653 -27.16 26.62 9.77
CA ALA A 653 -26.90 27.29 8.50
C ALA A 653 -25.50 27.86 8.52
N THR A 654 -24.63 27.35 7.64
CA THR A 654 -23.24 27.77 7.60
C THR A 654 -23.12 29.12 6.90
N GLN A 655 -22.63 30.12 7.63
CA GLN A 655 -22.38 31.45 7.08
C GLN A 655 -20.90 31.76 7.31
N MET A 656 -20.09 31.42 6.35
CA MET A 656 -18.64 31.58 6.22
C MET A 656 -18.33 32.90 5.53
N PRO A 657 -17.15 33.49 5.79
CA PRO A 657 -16.72 34.67 5.01
C PRO A 657 -16.17 34.25 3.66
N LEU A 658 -16.94 34.53 2.60
CA LEU A 658 -16.53 34.27 1.23
C LEU A 658 -16.55 35.55 0.41
N TYR A 659 -16.19 36.67 1.05
CA TYR A 659 -16.20 37.96 0.38
C TYR A 659 -15.11 38.03 -0.69
N SER A 660 -15.40 38.79 -1.75
CA SER A 660 -14.52 38.92 -2.90
C SER A 660 -13.99 40.35 -2.96
N SER A 661 -12.83 40.57 -2.35
CA SER A 661 -12.14 41.84 -2.47
C SER A 661 -11.59 41.99 -3.90
N PRO A 662 -11.33 43.22 -4.35
CA PRO A 662 -10.76 43.43 -5.70
C PRO A 662 -9.43 42.73 -5.98
N ILE A 663 -8.81 42.07 -4.98
CA ILE A 663 -7.61 41.29 -5.20
C ILE A 663 -7.89 39.88 -5.72
N VAL A 664 -9.16 39.53 -5.98
CA VAL A 664 -9.50 38.19 -6.45
C VAL A 664 -9.97 38.18 -7.90
N LYS A 665 -10.38 39.34 -8.41
CA LYS A 665 -10.86 39.42 -9.77
C LYS A 665 -9.74 39.84 -10.69
N ASN A 666 -8.84 38.92 -10.99
CA ASN A 666 -7.68 39.26 -11.81
C ASN A 666 -7.07 38.03 -12.43
N PRO A 667 -6.46 38.18 -13.62
CA PRO A 667 -5.78 37.05 -14.23
C PRO A 667 -4.77 36.48 -13.27
N PHE A 668 -3.94 37.36 -12.72
CA PHE A 668 -2.91 36.92 -11.80
C PHE A 668 -3.47 35.97 -10.78
N MET A 669 -4.77 36.07 -10.49
CA MET A 669 -5.34 35.08 -9.59
C MET A 669 -6.30 34.13 -10.26
N SER A 670 -6.93 34.53 -11.36
CA SER A 670 -7.90 33.69 -12.07
C SER A 670 -7.98 34.16 -13.52
N PRO A 671 -7.25 33.49 -14.43
CA PRO A 671 -6.96 34.07 -15.74
C PRO A 671 -8.06 33.97 -16.80
N LEU A 672 -9.33 33.68 -16.45
CA LEU A 672 -10.42 33.82 -17.42
C LEU A 672 -10.90 35.26 -17.54
N LEU A 673 -11.34 35.86 -16.43
CA LEU A 673 -11.97 37.18 -16.43
C LEU A 673 -10.96 38.30 -16.54
N ALA A 674 -9.73 37.95 -16.91
CA ALA A 674 -8.70 38.89 -17.21
C ALA A 674 -9.07 39.72 -18.43
N PRO A 675 -8.48 40.92 -18.57
CA PRO A 675 -8.67 41.69 -19.80
C PRO A 675 -8.20 40.89 -21.02
N ASP A 676 -8.94 41.05 -22.11
CA ASP A 676 -8.72 40.24 -23.31
C ASP A 676 -7.41 40.57 -23.99
N SER A 677 -7.00 41.84 -23.98
CA SER A 677 -5.87 42.31 -24.77
C SER A 677 -4.52 41.77 -24.30
N MET A 678 -4.47 41.17 -23.11
CA MET A 678 -3.20 40.66 -22.59
C MET A 678 -3.14 39.14 -22.54
N LEU A 679 -4.20 38.44 -22.95
CA LEU A 679 -4.14 37.00 -23.15
C LEU A 679 -3.72 36.61 -24.55
N LYS A 680 -3.41 37.58 -25.41
CA LYS A 680 -3.09 37.27 -26.80
C LYS A 680 -1.71 36.62 -26.92
N SER A 681 -0.79 36.96 -26.03
CA SER A 681 0.57 36.43 -26.05
C SER A 681 0.73 35.16 -25.23
N LEU A 682 -0.36 34.44 -24.96
CA LEU A 682 -0.27 33.22 -24.21
C LEU A 682 0.44 32.13 -25.02
N PRO A 683 1.19 31.25 -24.36
CA PRO A 683 1.74 30.08 -25.04
C PRO A 683 0.64 29.10 -25.40
N PRO A 684 0.89 28.19 -26.35
CA PRO A 684 -0.07 27.10 -26.60
C PRO A 684 -0.27 26.26 -25.34
N VAL A 685 -1.51 25.86 -25.10
CA VAL A 685 -1.92 25.25 -23.85
C VAL A 685 -2.49 23.86 -24.14
N HIS A 686 -2.01 22.87 -23.39
CA HIS A 686 -2.55 21.52 -23.42
C HIS A 686 -3.12 21.24 -22.03
N ILE A 687 -4.39 20.87 -21.98
CA ILE A 687 -5.12 20.79 -20.72
C ILE A 687 -5.96 19.52 -20.70
N VAL A 688 -6.00 18.84 -19.56
CA VAL A 688 -6.82 17.65 -19.36
C VAL A 688 -7.61 17.80 -18.06
N ALA A 689 -8.73 17.08 -17.99
CA ALA A 689 -9.59 17.06 -16.82
C ALA A 689 -10.45 15.81 -16.87
N CYS A 690 -11.22 15.59 -15.80
CA CYS A 690 -12.18 14.50 -15.78
C CYS A 690 -13.61 15.04 -15.85
N ALA A 691 -14.54 14.16 -16.19
CA ALA A 691 -15.93 14.57 -16.37
C ALA A 691 -16.68 14.77 -15.07
N LEU A 692 -16.15 14.30 -13.94
CA LEU A 692 -16.85 14.35 -12.66
C LEU A 692 -16.01 15.04 -11.61
N ASP A 693 -15.44 16.18 -11.97
CA ASP A 693 -14.73 17.03 -11.02
C ASP A 693 -15.47 18.34 -10.82
N PRO A 694 -15.32 18.98 -9.67
CA PRO A 694 -15.71 20.40 -9.58
C PRO A 694 -14.86 21.30 -10.47
N MET A 695 -13.61 20.91 -10.71
CA MET A 695 -12.71 21.58 -11.66
C MET A 695 -12.95 21.11 -13.09
N LEU A 696 -14.20 21.15 -13.53
CA LEU A 696 -14.55 20.81 -14.91
C LEU A 696 -15.16 21.99 -15.64
N ASP A 697 -16.11 22.69 -15.03
CA ASP A 697 -16.67 23.87 -15.66
C ASP A 697 -15.66 25.01 -15.70
N ASP A 698 -14.75 25.04 -14.73
CA ASP A 698 -13.68 26.04 -14.72
C ASP A 698 -12.76 25.86 -15.92
N SER A 699 -12.35 24.61 -16.20
CA SER A 699 -11.47 24.35 -17.33
C SER A 699 -12.19 24.45 -18.66
N VAL A 700 -13.52 24.24 -18.67
CA VAL A 700 -14.28 24.32 -19.92
C VAL A 700 -14.36 25.77 -20.39
N MET A 701 -14.51 26.71 -19.46
CA MET A 701 -14.57 28.13 -19.83
C MET A 701 -13.26 28.62 -20.42
N LEU A 702 -12.14 27.95 -20.11
CA LEU A 702 -10.86 28.32 -20.69
C LEU A 702 -10.84 28.14 -22.21
N ALA A 703 -11.37 27.02 -22.70
CA ALA A 703 -11.36 26.78 -24.14
C ALA A 703 -12.25 27.77 -24.88
N ARG A 704 -13.41 28.11 -24.31
CA ARG A 704 -14.30 29.06 -24.98
C ARG A 704 -13.74 30.47 -25.00
N ARG A 705 -12.98 30.86 -23.96
CA ARG A 705 -12.43 32.20 -23.91
C ARG A 705 -11.15 32.36 -24.72
N LEU A 706 -10.61 31.27 -25.27
CA LEU A 706 -9.45 31.35 -26.15
C LEU A 706 -9.71 30.87 -27.57
N ARG A 707 -10.82 30.17 -27.82
CA ARG A 707 -11.13 29.78 -29.19
C ARG A 707 -11.78 30.91 -29.97
N ASN A 708 -12.25 31.96 -29.31
CA ASN A 708 -12.75 33.15 -29.98
C ASN A 708 -11.65 34.17 -30.24
N LEU A 709 -10.40 33.86 -29.88
CA LEU A 709 -9.27 34.75 -30.10
C LEU A 709 -8.28 34.21 -31.13
N GLY A 710 -8.41 32.95 -31.54
CA GLY A 710 -7.50 32.34 -32.48
C GLY A 710 -6.40 31.51 -31.85
N GLN A 711 -6.18 31.68 -30.55
CA GLN A 711 -5.15 30.88 -29.87
C GLN A 711 -5.63 29.45 -29.73
N PRO A 712 -4.82 28.45 -30.08
CA PRO A 712 -5.26 27.06 -29.97
C PRO A 712 -5.07 26.48 -28.58
N VAL A 713 -6.12 25.86 -28.04
CA VAL A 713 -6.04 25.11 -26.79
C VAL A 713 -6.79 23.81 -26.98
N THR A 714 -6.22 22.71 -26.50
CA THR A 714 -6.81 21.39 -26.62
C THR A 714 -7.20 20.88 -25.25
N LEU A 715 -8.48 20.62 -25.05
CA LEU A 715 -9.01 20.10 -23.79
C LEU A 715 -9.47 18.67 -24.00
N ARG A 716 -8.91 17.74 -23.22
CA ARG A 716 -9.32 16.35 -23.22
C ARG A 716 -9.95 16.02 -21.89
N VAL A 717 -11.09 15.32 -21.94
CA VAL A 717 -11.84 14.96 -20.74
C VAL A 717 -11.83 13.43 -20.61
N VAL A 718 -11.74 12.96 -19.38
CA VAL A 718 -11.83 11.54 -19.08
C VAL A 718 -13.01 11.31 -18.14
N GLU A 719 -13.33 10.05 -17.88
CA GLU A 719 -14.55 9.71 -17.16
C GLU A 719 -14.25 8.65 -16.12
N ASP A 720 -15.24 8.46 -15.22
CA ASP A 720 -15.24 7.44 -14.17
C ASP A 720 -14.08 7.59 -13.20
N LEU A 721 -13.56 8.80 -13.03
CA LEU A 721 -12.43 9.05 -12.16
C LEU A 721 -12.62 10.37 -11.42
N PRO A 722 -12.11 10.48 -10.19
CA PRO A 722 -12.17 11.77 -9.50
C PRO A 722 -11.04 12.68 -9.92
N HIS A 723 -10.89 13.84 -9.27
CA HIS A 723 -9.72 14.67 -9.44
C HIS A 723 -8.76 14.40 -8.30
N GLY A 724 -7.47 14.31 -8.63
CA GLY A 724 -6.47 13.89 -7.67
C GLY A 724 -5.90 12.53 -8.03
N PHE A 725 -5.93 12.21 -9.33
CA PHE A 725 -5.48 10.92 -9.82
C PHE A 725 -4.02 10.92 -10.26
N LEU A 726 -3.34 12.06 -10.23
CA LEU A 726 -1.94 12.09 -10.65
C LEU A 726 -1.04 11.47 -9.59
N THR A 727 -1.35 11.69 -8.32
CA THR A 727 -0.64 11.05 -7.22
C THR A 727 -1.19 9.67 -6.90
N LEU A 728 -1.90 9.05 -7.85
CA LEU A 728 -2.61 7.80 -7.63
C LEU A 728 -2.49 6.88 -8.85
N ALA A 729 -1.39 7.01 -9.59
CA ALA A 729 -1.22 6.25 -10.83
C ALA A 729 -1.04 4.75 -10.58
N ALA A 730 -0.31 4.38 -9.54
CA ALA A 730 -0.02 2.97 -9.26
C ALA A 730 -1.08 2.36 -8.35
N LEU A 731 -2.34 2.50 -8.74
CA LEU A 731 -3.42 1.96 -7.93
C LEU A 731 -4.42 1.13 -8.73
N CYS A 732 -4.70 1.51 -9.97
CA CYS A 732 -5.69 0.82 -10.78
C CYS A 732 -5.29 0.93 -12.24
N ARG A 733 -6.04 0.23 -13.09
CA ARG A 733 -5.75 0.27 -14.53
C ARG A 733 -6.29 1.54 -15.16
N GLU A 734 -7.46 2.01 -14.73
CA GLU A 734 -7.99 3.25 -15.30
C GLU A 734 -7.28 4.49 -14.80
N THR A 735 -6.77 4.47 -13.56
CA THR A 735 -5.92 5.57 -13.10
C THR A 735 -4.56 5.53 -13.75
N ARG A 736 -4.12 4.38 -14.23
CA ARG A 736 -2.88 4.29 -14.99
C ARG A 736 -3.00 5.06 -16.30
N GLN A 737 -4.04 4.78 -17.08
CA GLN A 737 -4.19 5.39 -18.40
C GLN A 737 -4.62 6.84 -18.33
N ALA A 738 -5.04 7.34 -17.16
CA ALA A 738 -5.37 8.74 -17.00
C ALA A 738 -4.19 9.57 -16.53
N ALA A 739 -3.40 9.05 -15.58
CA ALA A 739 -2.22 9.77 -15.13
C ALA A 739 -1.09 9.71 -16.15
N GLU A 740 -1.07 8.68 -16.99
CA GLU A 740 -0.14 8.62 -18.11
C GLU A 740 -0.57 9.55 -19.24
N LEU A 741 -1.85 9.95 -19.27
CA LEU A 741 -2.32 10.89 -20.30
C LEU A 741 -1.64 12.25 -20.21
N CYS A 742 -1.13 12.62 -19.03
CA CYS A 742 -0.34 13.83 -18.92
C CYS A 742 1.00 13.72 -19.65
N VAL A 743 1.56 12.51 -19.72
CA VAL A 743 2.93 12.35 -20.20
C VAL A 743 3.03 12.60 -21.71
N GLU A 744 2.14 12.03 -22.50
CA GLU A 744 2.32 12.11 -23.95
C GLU A 744 1.95 13.50 -24.49
N ARG A 745 1.18 14.27 -23.74
CA ARG A 745 0.89 15.64 -24.14
C ARG A 745 1.90 16.64 -23.60
N ILE A 746 2.76 16.22 -22.66
CA ILE A 746 3.79 17.13 -22.15
C ILE A 746 5.04 17.14 -23.04
N ARG A 747 5.18 16.15 -23.92
CA ARG A 747 6.33 16.08 -24.82
C ARG A 747 6.07 16.72 -26.18
N LEU A 748 4.85 17.19 -26.44
CA LEU A 748 4.58 17.97 -27.64
C LEU A 748 5.15 19.38 -27.54
N VAL A 749 5.37 19.88 -26.33
CA VAL A 749 6.13 21.11 -26.12
C VAL A 749 7.58 20.98 -26.58
N LEU A 750 8.15 19.78 -26.47
CA LEU A 750 9.60 19.63 -26.58
C LEU A 750 10.09 19.74 -28.01
N THR A 751 9.20 19.63 -28.99
CA THR A 751 9.63 19.71 -30.39
C THR A 751 9.58 21.16 -30.88
N PRO A 752 10.64 21.67 -31.53
CA PRO A 752 10.80 23.00 -32.15
C PRO A 752 9.80 23.31 -33.26
N ARG B 4 40.73 -15.05 0.08
CA ARG B 4 41.87 -14.28 0.55
C ARG B 4 41.93 -12.93 -0.14
N THR B 5 41.64 -12.90 -1.44
CA THR B 5 41.71 -11.65 -2.19
C THR B 5 40.59 -10.68 -1.79
N MET B 6 39.48 -11.19 -1.27
CA MET B 6 38.43 -10.31 -0.78
C MET B 6 38.79 -9.71 0.56
N THR B 7 39.61 -10.39 1.35
CA THR B 7 40.02 -9.91 2.66
C THR B 7 41.31 -9.07 2.59
N GLN B 8 42.23 -9.46 1.72
CA GLN B 8 43.47 -8.69 1.54
C GLN B 8 43.19 -7.32 0.95
N SER B 9 42.20 -7.21 0.05
CA SER B 9 41.89 -5.94 -0.58
C SER B 9 41.31 -4.94 0.42
N LEU B 10 40.83 -5.40 1.56
CA LEU B 10 40.48 -4.49 2.65
C LEU B 10 41.69 -4.07 3.48
N VAL B 11 42.85 -4.71 3.27
CA VAL B 11 44.03 -4.43 4.08
C VAL B 11 45.00 -3.52 3.33
N THR B 12 45.07 -3.62 2.01
CA THR B 12 46.08 -2.89 1.25
C THR B 12 45.81 -1.38 1.25
N LEU B 13 44.56 -0.97 1.48
CA LEU B 13 44.22 0.45 1.58
C LEU B 13 43.98 0.88 3.02
N ALA B 14 44.77 0.38 3.97
CA ALA B 14 44.57 0.71 5.38
C ALA B 14 45.58 1.73 5.90
N GLU B 15 46.87 1.55 5.59
CA GLU B 15 47.89 2.46 6.13
C GLU B 15 47.77 3.85 5.51
N ASP B 16 47.53 3.92 4.19
CA ASP B 16 47.34 5.22 3.55
C ASP B 16 46.09 5.91 4.08
N ASN B 17 45.02 5.14 4.30
CA ASN B 17 43.78 5.69 4.83
C ASN B 17 43.99 6.28 6.21
N ILE B 18 44.80 5.62 7.04
CA ILE B 18 45.16 6.18 8.34
C ILE B 18 46.04 7.41 8.16
N ALA B 19 47.01 7.34 7.25
CA ALA B 19 47.90 8.48 7.01
C ALA B 19 47.19 9.64 6.34
N PHE B 20 46.08 9.39 5.63
CA PHE B 20 45.36 10.48 4.97
C PHE B 20 44.64 11.37 5.97
N PHE B 21 44.11 10.79 7.05
CA PHE B 21 43.27 11.53 7.97
C PHE B 21 43.97 11.92 9.27
N SER B 22 44.87 11.08 9.78
CA SER B 22 45.55 11.39 11.03
C SER B 22 46.62 12.47 10.86
N SER B 23 47.14 12.66 9.66
CA SER B 23 48.16 13.66 9.39
C SER B 23 47.58 14.96 8.86
N GLN B 24 46.26 15.05 8.73
CA GLN B 24 45.59 16.23 8.18
C GLN B 24 44.52 16.73 9.15
N GLY B 25 44.88 16.88 10.41
CA GLY B 25 43.99 17.41 11.40
C GLY B 25 44.27 16.87 12.80
N PRO B 26 44.30 17.75 13.79
CA PRO B 26 44.53 17.33 15.18
C PRO B 26 43.26 17.10 16.00
N GLY B 27 42.08 17.11 15.37
CA GLY B 27 40.83 16.96 16.08
C GLY B 27 40.56 15.53 16.49
N GLU B 28 39.40 15.34 17.12
CA GLU B 28 39.02 14.02 17.59
C GLU B 28 38.71 13.07 16.43
N THR B 29 38.23 13.63 15.31
CA THR B 29 37.77 12.81 14.20
C THR B 29 38.92 12.06 13.53
N ALA B 30 40.14 12.58 13.60
CA ALA B 30 41.30 11.85 13.07
C ALA B 30 41.53 10.56 13.84
N GLN B 31 41.50 10.64 15.18
CA GLN B 31 41.64 9.44 15.99
C GLN B 31 40.45 8.50 15.79
N ARG B 32 39.24 9.06 15.64
CA ARG B 32 38.06 8.24 15.39
C ARG B 32 38.19 7.45 14.09
N LEU B 33 38.59 8.11 13.00
CA LEU B 33 38.66 7.44 11.72
C LEU B 33 39.82 6.46 11.67
N SER B 34 40.96 6.81 12.28
CA SER B 34 42.10 5.89 12.32
C SER B 34 41.75 4.64 13.13
N GLY B 35 41.10 4.81 14.29
CA GLY B 35 40.67 3.66 15.07
C GLY B 35 39.62 2.84 14.35
N VAL B 36 38.73 3.50 13.60
CA VAL B 36 37.71 2.79 12.84
C VAL B 36 38.34 1.91 11.77
N PHE B 37 39.30 2.44 11.03
CA PHE B 37 39.88 1.63 9.96
C PHE B 37 40.82 0.57 10.51
N ALA B 38 41.49 0.84 11.65
CA ALA B 38 42.27 -0.19 12.31
C ALA B 38 41.37 -1.32 12.82
N GLY B 39 40.22 -0.98 13.39
CA GLY B 39 39.28 -2.00 13.81
C GLY B 39 38.72 -2.79 12.66
N VAL B 40 38.47 -2.13 11.52
CA VAL B 40 37.96 -2.82 10.34
C VAL B 40 38.99 -3.81 9.80
N ARG B 41 40.25 -3.39 9.68
CA ARG B 41 41.27 -4.30 9.17
C ARG B 41 41.53 -5.45 10.14
N GLU B 42 41.50 -5.19 11.47
CA GLU B 42 41.76 -6.27 12.40
C GLU B 42 40.57 -7.23 12.50
N GLN B 43 39.33 -6.72 12.34
CA GLN B 43 38.18 -7.61 12.33
C GLN B 43 38.16 -8.49 11.10
N ALA B 44 38.48 -7.93 9.92
CA ALA B 44 38.55 -8.76 8.73
C ALA B 44 39.66 -9.82 8.84
N LEU B 45 40.84 -9.41 9.32
CA LEU B 45 41.97 -10.33 9.37
C LEU B 45 41.77 -11.41 10.44
N GLY B 46 41.05 -11.09 11.51
CA GLY B 46 40.80 -12.08 12.54
C GLY B 46 39.57 -12.94 12.29
N LEU B 47 38.65 -12.47 11.44
CA LEU B 47 37.46 -13.23 11.13
C LEU B 47 37.62 -14.11 9.90
N GLU B 48 38.63 -13.85 9.08
CA GLU B 48 38.91 -14.72 7.93
C GLU B 48 39.15 -16.20 8.26
N PRO B 49 39.99 -16.59 9.25
CA PRO B 49 40.20 -18.04 9.44
C PRO B 49 38.99 -18.79 9.98
N ALA B 50 38.19 -18.15 10.83
CA ALA B 50 36.96 -18.79 11.30
C ALA B 50 35.98 -18.99 10.15
N LEU B 51 35.91 -18.01 9.23
CA LEU B 51 35.09 -18.17 8.03
C LEU B 51 35.59 -19.31 7.15
N GLY B 52 36.92 -19.47 7.04
CA GLY B 52 37.45 -20.56 6.25
C GLY B 52 37.13 -21.92 6.84
N ARG B 53 37.26 -22.06 8.16
CA ARG B 53 36.87 -23.31 8.82
C ARG B 53 35.38 -23.58 8.64
N LEU B 54 34.55 -22.54 8.76
CA LEU B 54 33.11 -22.70 8.62
C LEU B 54 32.72 -23.13 7.21
N LEU B 55 33.39 -22.59 6.18
CA LEU B 55 33.04 -23.02 4.83
C LEU B 55 33.55 -24.43 4.53
N GLY B 56 34.71 -24.82 5.09
CA GLY B 56 35.18 -26.18 4.91
C GLY B 56 34.25 -27.21 5.52
N VAL B 57 33.85 -26.98 6.77
CA VAL B 57 32.86 -27.86 7.39
C VAL B 57 31.46 -27.71 6.80
N ALA B 58 31.15 -26.59 6.13
CA ALA B 58 29.85 -26.48 5.47
C ALA B 58 29.81 -27.35 4.22
N HIS B 59 30.93 -27.41 3.49
CA HIS B 59 31.06 -28.39 2.43
C HIS B 59 31.03 -29.81 2.97
N LEU B 60 31.63 -30.01 4.15
CA LEU B 60 31.64 -31.34 4.77
C LEU B 60 30.28 -31.76 5.34
N PHE B 61 29.36 -30.81 5.55
CA PHE B 61 28.21 -31.08 6.39
C PHE B 61 26.88 -31.20 5.65
N ASP B 62 26.75 -30.61 4.46
CA ASP B 62 25.47 -30.61 3.74
C ASP B 62 25.17 -31.99 3.15
N LEU B 63 23.89 -32.19 2.82
CA LEU B 63 23.46 -33.50 2.33
C LEU B 63 23.75 -33.68 0.84
N ASP B 64 23.40 -32.69 0.02
CA ASP B 64 23.57 -32.80 -1.42
C ASP B 64 24.26 -31.54 -1.95
N PRO B 65 25.04 -31.67 -3.03
CA PRO B 65 25.66 -30.48 -3.64
C PRO B 65 24.66 -29.58 -4.34
N GLU B 66 23.46 -30.08 -4.67
CA GLU B 66 22.50 -29.30 -5.43
C GLU B 66 21.92 -28.16 -4.60
N THR B 67 21.69 -28.39 -3.30
CA THR B 67 21.07 -27.42 -2.42
C THR B 67 22.04 -27.08 -1.28
N PRO B 68 22.86 -26.05 -1.44
CA PRO B 68 23.73 -25.63 -0.33
C PRO B 68 22.94 -24.89 0.74
N ALA B 69 22.23 -25.64 1.58
CA ALA B 69 21.34 -25.06 2.58
C ALA B 69 21.66 -25.66 3.94
N ASN B 70 22.36 -24.88 4.78
CA ASN B 70 22.61 -25.19 6.18
C ASN B 70 22.55 -23.89 6.95
N GLY B 71 22.96 -23.93 8.23
CA GLY B 71 23.22 -22.71 8.94
C GLY B 71 24.58 -22.12 8.67
N TYR B 72 25.55 -22.98 8.35
CA TYR B 72 26.93 -22.53 8.13
C TYR B 72 27.04 -21.68 6.87
N ARG B 73 26.39 -22.12 5.79
CA ARG B 73 26.37 -21.32 4.57
C ARG B 73 25.69 -19.98 4.79
N SER B 74 24.66 -19.94 5.64
CA SER B 74 23.94 -18.69 5.87
C SER B 74 24.78 -17.72 6.70
N LEU B 75 25.48 -18.21 7.72
CA LEU B 75 26.35 -17.32 8.51
C LEU B 75 27.55 -16.84 7.68
N VAL B 76 28.10 -17.73 6.84
CA VAL B 76 29.19 -17.35 5.95
C VAL B 76 28.72 -16.29 4.96
N HIS B 77 27.51 -16.43 4.42
CA HIS B 77 26.96 -15.44 3.51
C HIS B 77 26.72 -14.10 4.20
N THR B 78 26.26 -14.13 5.46
CA THR B 78 26.06 -12.88 6.19
C THR B 78 27.38 -12.15 6.42
N ALA B 79 28.43 -12.89 6.84
CA ALA B 79 29.73 -12.27 7.05
C ALA B 79 30.32 -11.76 5.73
N ARG B 80 30.17 -12.52 4.65
CA ARG B 80 30.69 -12.09 3.36
C ARG B 80 29.96 -10.87 2.85
N CYS B 81 28.65 -10.77 3.08
CA CYS B 81 27.91 -9.60 2.61
C CYS B 81 28.30 -8.35 3.41
N CYS B 82 28.53 -8.51 4.72
CA CYS B 82 29.03 -7.39 5.51
C CYS B 82 30.41 -6.93 5.02
N LEU B 83 31.29 -7.89 4.73
CA LEU B 83 32.63 -7.55 4.23
C LEU B 83 32.57 -6.86 2.86
N ALA B 84 31.68 -7.32 1.98
CA ALA B 84 31.56 -6.71 0.66
C ALA B 84 30.99 -5.29 0.76
N HIS B 85 30.05 -5.08 1.68
CA HIS B 85 29.52 -3.74 1.91
C HIS B 85 30.60 -2.80 2.42
N LEU B 86 31.41 -3.25 3.38
CA LEU B 86 32.50 -2.42 3.89
C LEU B 86 33.56 -2.17 2.81
N LEU B 87 33.81 -3.17 1.96
CA LEU B 87 34.78 -3.00 0.88
C LEU B 87 34.31 -1.96 -0.13
N HIS B 88 33.03 -2.00 -0.51
CA HIS B 88 32.51 -1.01 -1.46
C HIS B 88 32.51 0.39 -0.86
N LYS B 89 32.14 0.51 0.42
CA LYS B 89 32.20 1.82 1.07
C LYS B 89 33.62 2.35 1.16
N SER B 90 34.59 1.49 1.47
CA SER B 90 35.98 1.90 1.51
C SER B 90 36.49 2.31 0.13
N ARG B 91 36.09 1.59 -0.92
CA ARG B 91 36.48 1.94 -2.28
C ARG B 91 35.94 3.32 -2.67
N TYR B 92 34.67 3.58 -2.37
CA TYR B 92 34.07 4.88 -2.68
C TYR B 92 34.72 6.01 -1.88
N VAL B 93 34.99 5.79 -0.60
CA VAL B 93 35.60 6.84 0.22
C VAL B 93 37.04 7.10 -0.21
N ALA B 94 37.78 6.04 -0.54
CA ALA B 94 39.16 6.22 -1.01
C ALA B 94 39.20 6.94 -2.36
N SER B 95 38.26 6.64 -3.25
CA SER B 95 38.21 7.36 -4.52
C SER B 95 37.66 8.77 -4.38
N ASN B 96 36.97 9.09 -3.29
CA ASN B 96 36.31 10.39 -3.12
C ASN B 96 36.74 11.05 -1.81
N ARG B 97 38.05 11.10 -1.55
CA ARG B 97 38.59 11.76 -0.37
C ARG B 97 39.52 12.90 -0.76
N ARG B 98 39.21 13.59 -1.86
CA ARG B 98 40.02 14.73 -2.27
C ARG B 98 39.75 15.95 -1.40
N SER B 99 38.51 16.13 -0.97
CA SER B 99 38.11 17.23 -0.11
C SER B 99 37.47 16.69 1.16
N ILE B 100 37.12 17.59 2.07
CA ILE B 100 36.46 17.23 3.32
C ILE B 100 35.06 17.82 3.24
N PHE B 101 34.52 17.85 2.02
CA PHE B 101 33.16 18.37 1.81
C PHE B 101 32.12 17.51 2.50
N PHE B 102 32.25 16.18 2.40
CA PHE B 102 31.35 15.28 3.12
C PHE B 102 31.61 15.39 4.61
N ARG B 103 30.55 15.38 5.39
CA ARG B 103 30.69 15.51 6.84
C ARG B 103 31.23 14.22 7.43
N THR B 104 32.28 14.34 8.25
CA THR B 104 32.94 13.18 8.82
C THR B 104 32.06 12.47 9.84
N SER B 105 31.09 13.17 10.44
CA SER B 105 30.23 12.56 11.45
C SER B 105 29.34 11.47 10.87
N HIS B 106 28.80 11.69 9.66
CA HIS B 106 27.89 10.72 9.05
C HIS B 106 28.61 9.42 8.70
N ASN B 107 29.75 9.52 8.00
CA ASN B 107 30.51 8.33 7.67
C ASN B 107 31.14 7.71 8.91
N LEU B 108 31.45 8.53 9.92
CA LEU B 108 31.90 8.01 11.21
C LEU B 108 30.85 7.11 11.83
N ALA B 109 29.59 7.56 11.85
CA ALA B 109 28.53 6.78 12.46
C ALA B 109 28.24 5.52 11.65
N GLU B 110 28.24 5.63 10.30
CA GLU B 110 28.05 4.44 9.47
C GLU B 110 29.16 3.42 9.67
N LEU B 111 30.41 3.88 9.71
CA LEU B 111 31.53 2.96 9.83
C LEU B 111 31.63 2.35 11.22
N GLU B 112 31.21 3.08 12.27
CA GLU B 112 31.19 2.46 13.59
C GLU B 112 30.04 1.46 13.72
N ALA B 113 28.91 1.71 13.05
CA ALA B 113 27.85 0.71 13.00
C ALA B 113 28.31 -0.56 12.29
N TYR B 114 29.07 -0.40 11.19
CA TYR B 114 29.59 -1.58 10.50
C TYR B 114 30.68 -2.28 11.30
N LEU B 115 31.46 -1.54 12.08
CA LEU B 115 32.42 -2.17 13.00
C LEU B 115 31.70 -3.02 14.04
N ALA B 116 30.59 -2.50 14.57
CA ALA B 116 29.78 -3.28 15.51
C ALA B 116 29.21 -4.52 14.83
N ALA B 117 28.78 -4.39 13.57
CA ALA B 117 28.25 -5.53 12.82
C ALA B 117 29.31 -6.61 12.64
N LEU B 118 30.54 -6.22 12.30
CA LEU B 118 31.59 -7.21 12.12
C LEU B 118 31.98 -7.87 13.43
N THR B 119 32.00 -7.12 14.54
CA THR B 119 32.30 -7.73 15.83
C THR B 119 31.23 -8.74 16.24
N GLN B 120 29.96 -8.39 16.07
CA GLN B 120 28.88 -9.31 16.47
C GLN B 120 28.83 -10.53 15.57
N LEU B 121 29.08 -10.36 14.27
CA LEU B 121 29.16 -11.53 13.40
C LEU B 121 30.37 -12.39 13.72
N ARG B 122 31.47 -11.78 14.19
CA ARG B 122 32.61 -12.56 14.65
C ARG B 122 32.24 -13.42 15.85
N ALA B 123 31.50 -12.84 16.80
CA ALA B 123 31.04 -13.61 17.95
C ALA B 123 30.12 -14.76 17.54
N LEU B 124 29.21 -14.50 16.58
CA LEU B 124 28.31 -15.55 16.12
C LEU B 124 29.05 -16.66 15.38
N VAL B 125 30.05 -16.30 14.58
CA VAL B 125 30.82 -17.32 13.85
C VAL B 125 31.65 -18.16 14.81
N TYR B 126 32.19 -17.53 15.85
CA TYR B 126 32.88 -18.30 16.90
C TYR B 126 31.92 -19.24 17.62
N TYR B 127 30.68 -18.78 17.87
CA TYR B 127 29.67 -19.66 18.48
C TYR B 127 29.33 -20.84 17.58
N ALA B 128 29.23 -20.61 16.27
CA ALA B 128 28.97 -21.71 15.33
C ALA B 128 30.11 -22.71 15.32
N GLN B 129 31.35 -22.22 15.34
CA GLN B 129 32.51 -23.11 15.39
C GLN B 129 32.52 -23.93 16.68
N ARG B 130 32.19 -23.31 17.81
CA ARG B 130 32.17 -24.03 19.08
C ARG B 130 31.05 -25.07 19.09
N LEU B 131 29.91 -24.75 18.49
CA LEU B 131 28.83 -25.71 18.42
C LEU B 131 29.24 -26.90 17.59
N LEU B 132 29.64 -26.64 16.34
CA LEU B 132 30.07 -27.72 15.47
C LEU B 132 31.07 -28.62 16.19
N VAL B 133 32.07 -28.01 16.81
CA VAL B 133 33.06 -28.79 17.53
C VAL B 133 32.39 -29.67 18.56
N THR B 134 31.69 -29.05 19.51
CA THR B 134 31.04 -29.81 20.58
C THR B 134 30.21 -30.99 20.13
N ASN B 135 29.39 -30.81 19.11
CA ASN B 135 28.47 -31.87 18.69
C ASN B 135 29.16 -32.85 17.75
N ARG B 136 28.48 -33.96 17.50
CA ARG B 136 28.95 -34.98 16.57
C ARG B 136 28.79 -34.49 15.13
N PRO B 137 29.83 -34.56 14.30
CA PRO B 137 29.66 -34.21 12.89
C PRO B 137 28.76 -35.19 12.16
N GLY B 138 28.05 -34.67 11.17
CA GLY B 138 27.12 -35.43 10.37
C GLY B 138 25.66 -35.22 10.72
N VAL B 139 25.36 -34.76 11.94
CA VAL B 139 23.99 -34.49 12.36
C VAL B 139 23.83 -32.99 12.55
N LEU B 140 22.89 -32.40 11.81
CA LEU B 140 22.59 -30.98 11.84
C LEU B 140 22.04 -30.49 13.17
N PHE B 141 21.52 -31.38 14.01
CA PHE B 141 20.86 -31.01 15.25
C PHE B 141 21.70 -31.53 16.41
N PHE B 142 21.26 -31.21 17.63
CA PHE B 142 21.95 -31.63 18.84
C PHE B 142 21.17 -32.73 19.53
N GLU B 143 21.89 -33.72 20.05
CA GLU B 143 21.30 -34.87 20.72
C GLU B 143 21.27 -34.73 22.24
N GLY B 144 21.69 -33.60 22.78
CA GLY B 144 21.80 -33.44 24.21
C GLY B 144 20.46 -33.29 24.91
N ASP B 145 20.53 -33.27 26.23
CA ASP B 145 19.33 -33.19 27.07
C ASP B 145 18.86 -31.73 27.16
N GLU B 146 17.86 -31.49 28.02
CA GLU B 146 17.25 -30.17 28.08
C GLU B 146 18.12 -29.18 28.85
N GLY B 147 18.84 -29.63 29.89
CA GLY B 147 19.54 -28.70 30.76
C GLY B 147 20.70 -28.00 30.10
N LEU B 148 21.60 -28.76 29.47
CA LEU B 148 22.77 -28.16 28.87
C LEU B 148 22.41 -27.45 27.57
N THR B 149 21.36 -27.90 26.88
CA THR B 149 20.87 -27.15 25.73
C THR B 149 20.26 -25.82 26.14
N ALA B 150 19.58 -25.78 27.28
CA ALA B 150 19.11 -24.51 27.83
C ALA B 150 20.29 -23.63 28.26
N ASP B 151 21.36 -24.25 28.75
CA ASP B 151 22.58 -23.50 29.07
C ASP B 151 23.17 -22.86 27.82
N PHE B 152 23.22 -23.63 26.71
CA PHE B 152 23.68 -23.07 25.44
C PHE B 152 22.77 -21.94 24.98
N LEU B 153 21.45 -22.13 25.10
CA LEU B 153 20.52 -21.09 24.66
C LEU B 153 20.66 -19.81 25.47
N ARG B 154 20.85 -19.92 26.79
CA ARG B 154 21.02 -18.71 27.60
C ARG B 154 22.37 -18.05 27.35
N GLU B 155 23.43 -18.87 27.17
CA GLU B 155 24.75 -18.36 26.81
C GLU B 155 24.74 -17.71 25.43
N TYR B 156 23.78 -18.07 24.59
CA TYR B 156 23.54 -17.33 23.34
C TYR B 156 22.79 -16.03 23.60
N VAL B 157 21.72 -16.10 24.40
CA VAL B 157 20.82 -14.97 24.64
C VAL B 157 21.53 -13.81 25.31
N THR B 158 22.54 -14.07 26.15
CA THR B 158 23.23 -12.99 26.84
C THR B 158 24.03 -12.10 25.90
N LEU B 159 24.22 -12.50 24.64
CA LEU B 159 24.84 -11.62 23.65
C LEU B 159 23.93 -10.43 23.33
N HIS B 160 24.52 -9.44 22.65
CA HIS B 160 23.84 -8.19 22.35
C HIS B 160 23.88 -7.94 20.85
N LYS B 161 22.76 -7.45 20.31
CA LYS B 161 22.54 -7.37 18.86
C LYS B 161 22.33 -5.94 18.40
N GLY B 162 23.18 -5.02 18.84
CA GLY B 162 23.01 -3.60 18.58
C GLY B 162 23.45 -3.11 17.21
N CYS B 163 23.53 -4.01 16.24
CA CYS B 163 24.07 -3.67 14.93
C CYS B 163 23.18 -4.10 13.77
N PHE B 164 22.52 -5.25 13.86
CA PHE B 164 21.67 -5.70 12.77
C PHE B 164 20.31 -5.01 12.74
N TYR B 165 19.99 -4.22 13.77
CA TYR B 165 18.67 -3.63 13.91
C TYR B 165 18.71 -2.10 13.92
N GLY B 166 19.88 -1.50 13.67
CA GLY B 166 19.98 -0.06 13.59
C GLY B 166 19.77 0.44 12.18
N ARG B 167 20.74 1.23 11.67
CA ARG B 167 20.64 1.71 10.30
C ARG B 167 20.83 0.58 9.30
N CYS B 168 21.62 -0.43 9.64
CA CYS B 168 21.95 -1.52 8.74
C CYS B 168 20.93 -2.65 8.79
N LEU B 169 19.68 -2.33 9.10
CA LEU B 169 18.61 -3.33 9.26
C LEU B 169 18.25 -3.87 7.88
N GLY B 170 18.75 -5.06 7.56
CA GLY B 170 18.38 -5.71 6.33
C GLY B 170 19.45 -5.68 5.26
N PHE B 171 20.72 -5.71 5.69
CA PHE B 171 21.82 -5.71 4.72
C PHE B 171 21.91 -7.04 3.97
N GLN B 172 21.51 -8.14 4.62
CA GLN B 172 21.68 -9.46 4.03
C GLN B 172 20.70 -9.73 2.89
N PHE B 173 19.65 -8.92 2.77
CA PHE B 173 18.63 -9.11 1.75
C PHE B 173 18.91 -8.20 0.55
N THR B 174 17.98 -8.21 -0.39
CA THR B 174 18.03 -7.28 -1.51
C THR B 174 17.78 -5.86 -1.01
N PRO B 175 18.47 -4.86 -1.57
CA PRO B 175 18.19 -3.46 -1.17
C PRO B 175 16.79 -2.98 -1.49
N ALA B 176 16.09 -3.59 -2.45
CA ALA B 176 14.74 -3.16 -2.80
C ALA B 176 13.74 -3.47 -1.70
N ILE B 177 14.08 -4.42 -0.83
CA ILE B 177 13.19 -4.85 0.23
C ILE B 177 13.38 -4.05 1.52
N ARG B 178 14.57 -3.45 1.71
CA ARG B 178 14.90 -2.75 2.96
C ARG B 178 13.99 -1.59 3.38
N PRO B 179 13.48 -0.72 2.48
CA PRO B 179 12.56 0.33 2.96
C PRO B 179 11.30 -0.21 3.63
N PHE B 180 10.74 -1.31 3.11
CA PHE B 180 9.58 -1.93 3.73
C PHE B 180 9.90 -2.43 5.13
N LEU B 181 11.09 -3.00 5.31
CA LEU B 181 11.54 -3.40 6.65
C LEU B 181 11.75 -2.21 7.56
N GLN B 182 12.17 -1.07 7.02
CA GLN B 182 12.29 0.12 7.86
C GLN B 182 10.93 0.59 8.35
N THR B 183 9.94 0.67 7.45
CA THR B 183 8.59 1.03 7.88
C THR B 183 7.96 -0.04 8.77
N ILE B 184 8.30 -1.30 8.55
CA ILE B 184 7.80 -2.38 9.41
C ILE B 184 8.37 -2.23 10.81
N SER B 185 9.67 -1.94 10.91
CA SER B 185 10.32 -1.72 12.21
C SER B 185 9.73 -0.52 12.93
N ILE B 186 9.43 0.54 12.19
CA ILE B 186 8.71 1.68 12.77
C ILE B 186 7.34 1.25 13.26
N GLY B 187 6.69 0.35 12.52
CA GLY B 187 5.42 -0.20 12.96
C GLY B 187 5.51 -0.96 14.27
N LEU B 188 6.52 -1.83 14.40
CA LEU B 188 6.68 -2.55 15.67
C LEU B 188 7.04 -1.63 16.81
N VAL B 189 7.91 -0.62 16.60
CA VAL B 189 8.29 0.21 17.73
C VAL B 189 7.12 1.11 18.17
N SER B 190 6.33 1.60 17.21
CA SER B 190 5.12 2.34 17.55
C SER B 190 4.10 1.47 18.27
N PHE B 191 3.91 0.23 17.78
CA PHE B 191 3.00 -0.70 18.44
C PHE B 191 3.46 -1.02 19.85
N GLY B 192 4.76 -1.21 20.04
CA GLY B 192 5.29 -1.55 21.35
C GLY B 192 5.14 -0.41 22.34
N GLU B 193 5.43 0.82 21.91
CA GLU B 193 5.28 1.95 22.83
C GLU B 193 3.80 2.25 23.11
N HIS B 194 2.91 2.05 22.14
CA HIS B 194 1.49 2.25 22.40
C HIS B 194 0.97 1.19 23.36
N TYR B 195 1.37 -0.06 23.17
CA TYR B 195 0.90 -1.14 24.04
C TYR B 195 1.50 -1.04 25.43
N LYS B 196 2.72 -0.51 25.56
CA LYS B 196 3.27 -0.23 26.88
C LYS B 196 2.53 0.93 27.56
N ARG B 197 2.21 1.97 26.79
CA ARG B 197 1.49 3.11 27.35
C ARG B 197 -0.01 2.87 27.45
N ASN B 198 -0.53 1.81 26.83
CA ASN B 198 -1.94 1.42 26.85
C ASN B 198 -2.88 2.54 26.40
N ARG B 214 8.67 9.64 14.42
CA ARG B 214 9.70 10.12 15.33
C ARG B 214 10.96 9.27 15.22
N PHE B 215 10.78 7.96 15.05
CA PHE B 215 11.90 7.03 14.96
C PHE B 215 12.38 6.82 13.53
N ALA B 216 11.82 7.54 12.56
CA ALA B 216 12.24 7.42 11.17
C ALA B 216 13.31 8.45 10.80
N ILE B 217 13.65 9.35 11.71
CA ILE B 217 14.67 10.37 11.46
C ILE B 217 16.04 9.92 11.97
N ASP B 218 16.08 9.27 13.12
CA ASP B 218 17.34 8.82 13.71
C ASP B 218 17.38 7.30 13.76
N PRO B 219 18.00 6.64 12.77
CA PRO B 219 18.11 5.17 12.80
C PRO B 219 19.03 4.66 13.89
N GLU B 220 19.88 5.50 14.48
CA GLU B 220 20.77 5.06 15.54
C GLU B 220 20.00 4.70 16.80
N LEU B 221 18.89 5.39 17.07
CA LEU B 221 18.07 5.09 18.23
C LEU B 221 17.02 4.02 17.95
N ARG B 222 17.00 3.47 16.73
CA ARG B 222 16.02 2.43 16.41
C ARG B 222 16.35 1.12 17.11
N GLY B 223 17.63 0.74 17.12
CA GLY B 223 18.03 -0.49 17.78
C GLY B 223 17.80 -0.46 19.28
N ALA B 224 17.99 0.71 19.89
CA ALA B 224 17.83 0.85 21.34
C ALA B 224 16.40 0.62 21.80
N GLU B 225 15.43 0.61 20.89
CA GLU B 225 14.08 0.17 21.21
C GLU B 225 13.74 -1.19 20.62
N PHE B 226 14.29 -1.52 19.44
CA PHE B 226 13.97 -2.79 18.80
C PHE B 226 14.51 -3.98 19.59
N GLU B 227 15.71 -3.87 20.14
CA GLU B 227 16.28 -5.01 20.84
C GLU B 227 15.71 -5.16 22.25
N ARG B 228 15.07 -4.11 22.77
CA ARG B 228 14.25 -4.27 23.97
C ARG B 228 12.89 -4.85 23.64
N ILE B 229 12.35 -4.52 22.45
CA ILE B 229 11.10 -5.12 21.99
C ILE B 229 11.26 -6.62 21.80
N THR B 230 12.42 -7.04 21.28
CA THR B 230 12.69 -8.46 21.04
C THR B 230 12.55 -9.29 22.32
N GLN B 231 13.17 -8.83 23.41
CA GLN B 231 13.14 -9.58 24.66
C GLN B 231 12.07 -9.11 25.63
N ASN B 232 11.21 -8.18 25.23
CA ASN B 232 10.14 -7.69 26.09
C ASN B 232 8.81 -7.66 25.35
N LEU B 233 8.49 -8.74 24.66
CA LEU B 233 7.21 -8.88 23.98
C LEU B 233 6.52 -10.14 24.48
N ASP B 234 5.20 -10.19 24.28
CA ASP B 234 4.38 -11.32 24.67
C ASP B 234 3.78 -11.97 23.43
N VAL B 235 3.32 -13.21 23.59
CA VAL B 235 2.67 -13.90 22.48
C VAL B 235 1.35 -13.22 22.13
N HIS B 236 0.63 -12.69 23.13
CA HIS B 236 -0.58 -11.93 22.86
C HIS B 236 -0.30 -10.66 22.09
N PHE B 237 0.87 -10.05 22.31
CA PHE B 237 1.29 -8.89 21.52
C PHE B 237 1.48 -9.29 20.06
N TRP B 238 2.14 -10.42 19.80
CA TRP B 238 2.35 -10.85 18.43
C TRP B 238 1.10 -11.47 17.79
N LYS B 239 0.05 -11.69 18.58
CA LYS B 239 -1.22 -12.15 18.04
C LYS B 239 -1.93 -11.07 17.21
N ALA B 240 -1.46 -9.83 17.24
CA ALA B 240 -2.06 -8.76 16.45
C ALA B 240 -1.31 -8.48 15.16
N PHE B 241 -0.01 -8.77 15.10
CA PHE B 241 0.80 -8.36 13.95
C PHE B 241 0.45 -9.15 12.69
N TRP B 242 0.27 -10.46 12.82
CA TRP B 242 0.05 -11.27 11.64
C TRP B 242 -1.38 -11.12 11.11
N ASN B 243 -2.33 -10.75 11.97
CA ASN B 243 -3.70 -10.51 11.54
C ASN B 243 -4.04 -9.01 11.53
N ILE B 244 -3.03 -8.14 11.51
CA ILE B 244 -3.26 -6.76 11.14
C ILE B 244 -3.75 -6.63 9.70
N THR B 245 -3.52 -7.65 8.86
CA THR B 245 -4.11 -7.73 7.54
C THR B 245 -5.46 -8.45 7.54
N GLU B 246 -5.98 -8.82 8.71
CA GLU B 246 -7.32 -9.38 8.82
C GLU B 246 -8.40 -8.33 8.97
N MET B 247 -8.06 -7.16 9.52
CA MET B 247 -9.03 -6.10 9.67
C MET B 247 -9.49 -5.60 8.30
N GLU B 248 -10.72 -5.08 8.26
CA GLU B 248 -11.39 -4.88 6.98
C GLU B 248 -10.75 -3.77 6.15
N VAL B 249 -10.15 -2.77 6.79
CA VAL B 249 -9.54 -1.67 6.05
C VAL B 249 -8.28 -2.14 5.32
N LEU B 250 -7.40 -2.89 5.99
CA LEU B 250 -6.18 -3.35 5.34
C LEU B 250 -6.43 -4.51 4.38
N SER B 251 -7.38 -5.39 4.70
CA SER B 251 -7.73 -6.45 3.77
C SER B 251 -8.36 -5.88 2.50
N SER B 252 -9.22 -4.87 2.65
CA SER B 252 -9.76 -4.19 1.48
C SER B 252 -8.67 -3.45 0.71
N LEU B 253 -7.72 -2.83 1.42
CA LEU B 253 -6.60 -2.15 0.78
C LEU B 253 -5.62 -3.11 0.12
N ALA B 254 -5.66 -4.40 0.46
CA ALA B 254 -4.80 -5.39 -0.18
C ALA B 254 -5.52 -6.22 -1.22
N ASN B 255 -6.85 -6.17 -1.28
CA ASN B 255 -7.60 -7.10 -2.12
C ASN B 255 -7.65 -6.72 -3.59
N MET B 256 -7.28 -5.49 -3.98
CA MET B 256 -7.34 -5.16 -5.41
C MET B 256 -6.25 -5.86 -6.21
N ALA B 257 -5.11 -6.18 -5.60
CA ALA B 257 -4.06 -6.90 -6.31
C ALA B 257 -4.43 -8.35 -6.58
N SER B 258 -5.41 -8.88 -5.85
CA SER B 258 -5.88 -10.23 -6.09
C SER B 258 -6.69 -10.31 -7.37
N ALA B 259 -6.94 -11.53 -7.83
CA ALA B 259 -7.71 -11.76 -9.05
C ALA B 259 -9.21 -11.70 -8.73
N THR B 260 -10.03 -11.86 -9.77
CA THR B 260 -11.47 -11.83 -9.62
C THR B 260 -11.98 -13.15 -9.04
N VAL B 261 -13.17 -13.08 -8.44
CA VAL B 261 -13.75 -14.25 -7.79
C VAL B 261 -15.27 -14.06 -7.76
N ARG B 262 -15.99 -15.15 -7.55
CA ARG B 262 -17.41 -15.10 -7.22
C ARG B 262 -17.77 -15.95 -6.01
N VAL B 263 -17.08 -17.07 -5.81
CA VAL B 263 -17.36 -17.98 -4.71
C VAL B 263 -16.33 -17.72 -3.61
N SER B 264 -16.73 -17.00 -2.59
CA SER B 264 -15.88 -16.69 -1.45
C SER B 264 -16.65 -16.87 -0.16
N ARG B 265 -17.39 -17.96 -0.05
CA ARG B 265 -18.38 -18.17 1.00
C ARG B 265 -17.83 -19.06 2.10
N LEU B 266 -18.14 -18.69 3.33
CA LEU B 266 -17.82 -19.50 4.49
C LEU B 266 -18.79 -20.67 4.60
N LEU B 267 -18.44 -21.64 5.45
CA LEU B 267 -19.29 -22.77 5.74
C LEU B 267 -19.41 -22.92 7.26
N SER B 268 -20.20 -23.89 7.69
CA SER B 268 -20.38 -24.14 9.12
C SER B 268 -20.71 -25.63 9.28
N LEU B 269 -19.72 -26.40 9.71
CA LEU B 269 -19.90 -27.83 9.82
C LEU B 269 -20.65 -28.21 11.09
N PRO B 270 -21.46 -29.27 11.05
CA PRO B 270 -22.20 -29.69 12.24
C PRO B 270 -21.27 -30.32 13.27
N PRO B 271 -21.47 -30.02 14.57
CA PRO B 271 -20.64 -30.61 15.63
C PRO B 271 -21.14 -31.97 16.10
N GLU B 272 -21.37 -32.88 15.15
CA GLU B 272 -21.81 -34.22 15.45
C GLU B 272 -20.98 -35.21 14.66
N ALA B 273 -20.80 -36.41 15.22
CA ALA B 273 -19.94 -37.42 14.64
C ALA B 273 -20.58 -38.07 13.42
N PHE B 274 -19.74 -38.59 12.53
CA PHE B 274 -20.20 -39.36 11.40
C PHE B 274 -19.16 -40.42 11.04
N GLU B 275 -19.41 -41.12 9.94
CA GLU B 275 -18.76 -42.38 9.61
C GLU B 275 -17.89 -42.25 8.37
N MET B 276 -16.78 -43.02 8.34
CA MET B 276 -15.91 -43.26 7.20
C MET B 276 -15.72 -44.74 6.91
N PRO B 277 -15.38 -45.09 5.67
CA PRO B 277 -14.79 -46.39 5.39
C PRO B 277 -13.28 -46.37 5.63
N LEU B 278 -12.68 -47.55 5.50
CA LEU B 278 -11.23 -47.69 5.50
C LEU B 278 -10.78 -48.30 4.17
N THR B 279 -9.67 -47.80 3.64
CA THR B 279 -9.14 -48.35 2.41
C THR B 279 -8.42 -49.67 2.61
N ALA B 280 -8.13 -50.06 3.86
CA ALA B 280 -7.60 -51.39 4.12
C ALA B 280 -8.65 -52.46 3.81
N ASP B 281 -9.90 -52.21 4.16
CA ASP B 281 -11.01 -53.08 3.83
C ASP B 281 -12.29 -52.24 3.77
N PRO B 282 -12.88 -52.08 2.58
CA PRO B 282 -14.07 -51.21 2.46
C PRO B 282 -15.30 -51.71 3.21
N THR B 283 -15.37 -53.00 3.53
CA THR B 283 -16.54 -53.53 4.22
C THR B 283 -16.60 -53.12 5.68
N LEU B 284 -15.46 -52.93 6.34
CA LEU B 284 -15.44 -52.46 7.72
C LEU B 284 -15.42 -50.94 7.77
N THR B 285 -15.91 -50.40 8.88
CA THR B 285 -16.22 -48.99 9.01
C THR B 285 -15.63 -48.45 10.31
N VAL B 286 -15.42 -47.14 10.36
CA VAL B 286 -14.92 -46.47 11.55
C VAL B 286 -15.62 -45.11 11.69
N THR B 287 -16.02 -44.78 12.92
CA THR B 287 -16.71 -43.54 13.24
C THR B 287 -15.76 -42.57 13.94
N ILE B 288 -15.89 -41.27 13.61
CA ILE B 288 -15.05 -40.27 14.25
C ILE B 288 -15.50 -40.04 15.68
N SER B 289 -14.55 -39.96 16.58
CA SER B 289 -14.81 -39.30 17.85
C SER B 289 -14.85 -37.79 17.62
N PRO B 290 -15.90 -37.09 18.05
CA PRO B 290 -16.00 -35.67 17.77
C PRO B 290 -14.89 -34.90 18.47
N PRO B 291 -14.46 -33.77 17.91
CA PRO B 291 -13.38 -33.01 18.55
C PRO B 291 -13.88 -32.33 19.82
N LEU B 292 -13.50 -32.88 20.98
CA LEU B 292 -13.95 -32.34 22.26
C LEU B 292 -12.94 -31.37 22.84
N ALA B 293 -11.70 -31.82 23.06
CA ALA B 293 -10.69 -31.13 23.86
C ALA B 293 -11.24 -30.75 25.23
N HIS B 294 -12.03 -31.68 25.80
CA HIS B 294 -12.81 -31.58 27.03
C HIS B 294 -13.49 -30.22 27.23
N THR B 295 -14.03 -29.65 26.14
CA THR B 295 -14.82 -28.42 26.25
C THR B 295 -16.02 -28.39 25.31
N GLY B 296 -16.29 -29.46 24.57
CA GLY B 296 -17.46 -29.51 23.72
C GLY B 296 -17.16 -29.19 22.27
N PRO B 297 -17.68 -30.02 21.36
CA PRO B 297 -17.51 -29.74 19.92
C PRO B 297 -18.26 -28.49 19.49
N GLY B 298 -17.70 -27.80 18.50
CA GLY B 298 -18.28 -26.58 18.01
C GLY B 298 -18.33 -26.55 16.50
N PRO B 299 -18.45 -25.34 15.94
CA PRO B 299 -18.51 -25.22 14.48
C PRO B 299 -17.15 -25.19 13.78
N VAL B 300 -16.92 -26.17 12.92
CA VAL B 300 -15.66 -26.25 12.21
C VAL B 300 -15.75 -25.22 11.07
N LEU B 301 -15.22 -24.03 11.32
CA LEU B 301 -15.32 -22.93 10.38
C LEU B 301 -14.38 -23.17 9.20
N VAL B 302 -14.96 -23.44 8.04
CA VAL B 302 -14.21 -23.66 6.81
C VAL B 302 -14.78 -22.72 5.76
N ARG B 303 -13.94 -22.20 4.90
CA ARG B 303 -14.41 -21.26 3.88
C ARG B 303 -13.88 -21.66 2.50
N LEU B 304 -14.76 -21.58 1.52
CA LEU B 304 -14.51 -22.07 0.17
C LEU B 304 -14.15 -20.92 -0.75
N ILE B 305 -13.05 -21.09 -1.50
CA ILE B 305 -12.66 -20.17 -2.54
C ILE B 305 -12.60 -20.95 -3.83
N SER B 306 -13.43 -20.56 -4.80
CA SER B 306 -13.44 -21.18 -6.11
C SER B 306 -13.56 -20.10 -7.17
N TYR B 307 -13.09 -20.41 -8.38
CA TYR B 307 -13.13 -19.43 -9.46
C TYR B 307 -14.55 -19.24 -9.97
N ASP B 308 -15.30 -20.33 -10.12
CA ASP B 308 -16.64 -20.28 -10.68
C ASP B 308 -17.56 -21.17 -9.85
N LEU B 309 -18.86 -21.01 -10.05
CA LEU B 309 -19.83 -21.94 -9.51
C LEU B 309 -19.75 -23.26 -10.28
N ARG B 310 -19.58 -24.36 -9.55
CA ARG B 310 -19.37 -25.67 -10.15
C ARG B 310 -20.63 -26.52 -10.03
N GLU B 311 -20.59 -27.70 -10.63
CA GLU B 311 -21.79 -28.53 -10.74
C GLU B 311 -22.17 -29.11 -9.38
N GLY B 312 -23.45 -28.96 -9.03
CA GLY B 312 -23.95 -29.51 -7.78
C GLY B 312 -23.43 -28.80 -6.54
N GLN B 313 -22.96 -27.56 -6.69
CA GLN B 313 -22.40 -26.84 -5.57
C GLN B 313 -23.27 -25.70 -5.08
N ASP B 314 -23.94 -24.96 -5.97
CA ASP B 314 -24.76 -23.81 -5.58
C ASP B 314 -26.19 -24.20 -5.22
N SER B 315 -26.40 -25.45 -4.81
CA SER B 315 -27.73 -25.92 -4.48
C SER B 315 -28.07 -25.54 -3.03
N GLU B 316 -29.15 -26.11 -2.50
CA GLU B 316 -29.61 -25.79 -1.15
C GLU B 316 -28.69 -26.36 -0.08
N GLU B 317 -28.00 -27.47 -0.37
CA GLU B 317 -27.18 -28.14 0.64
C GLU B 317 -26.02 -27.27 1.08
N LEU B 318 -25.33 -26.63 0.14
CA LEU B 318 -24.27 -25.70 0.51
C LEU B 318 -24.82 -24.37 1.01
N SER B 319 -25.94 -23.90 0.45
CA SER B 319 -26.47 -22.60 0.84
C SER B 319 -27.12 -22.62 2.21
N SER B 320 -27.37 -23.79 2.79
CA SER B 320 -27.91 -23.90 4.13
C SER B 320 -26.82 -23.95 5.21
N LEU B 321 -25.61 -23.48 4.91
CA LEU B 321 -24.49 -23.57 5.85
C LEU B 321 -23.76 -22.26 6.09
N ILE B 322 -24.22 -21.16 5.51
CA ILE B 322 -23.51 -19.89 5.68
C ILE B 322 -23.77 -19.36 7.09
N LYS B 323 -22.70 -19.03 7.80
CA LYS B 323 -22.82 -18.51 9.16
C LYS B 323 -23.12 -17.01 9.12
N SER B 324 -24.09 -16.59 9.93
CA SER B 324 -24.49 -15.19 9.99
C SER B 324 -23.45 -14.35 10.73
N GLN B 337 -24.33 -19.84 -15.58
CA GLN B 337 -24.05 -21.24 -15.89
C GLN B 337 -23.30 -21.90 -14.73
N GLN B 338 -22.87 -23.14 -14.94
CA GLN B 338 -22.17 -23.89 -13.90
C GLN B 338 -20.96 -24.59 -14.49
N ALA B 339 -19.86 -24.55 -13.75
CA ALA B 339 -18.68 -25.31 -14.09
C ALA B 339 -18.95 -26.80 -13.88
N PRO B 340 -18.32 -27.70 -14.68
CA PRO B 340 -18.76 -29.09 -14.68
C PRO B 340 -18.25 -29.89 -13.49
N ARG B 341 -18.46 -31.20 -13.53
CA ARG B 341 -18.07 -32.08 -12.44
C ARG B 341 -16.55 -32.02 -12.23
N SER B 342 -16.15 -31.50 -11.07
CA SER B 342 -14.74 -31.22 -10.82
C SER B 342 -13.94 -32.50 -10.65
N ARG B 343 -12.64 -32.40 -10.92
CA ARG B 343 -11.78 -33.58 -10.86
C ARG B 343 -11.19 -33.77 -9.47
N SER B 344 -10.64 -32.71 -8.88
CA SER B 344 -10.03 -32.83 -7.56
C SER B 344 -10.09 -31.50 -6.85
N LEU B 345 -10.05 -31.57 -5.53
CA LEU B 345 -10.02 -30.40 -4.67
C LEU B 345 -8.61 -30.16 -4.14
N ILE B 346 -8.41 -28.99 -3.56
CA ILE B 346 -7.16 -28.63 -2.91
C ILE B 346 -7.47 -28.13 -1.51
N VAL B 347 -6.91 -28.77 -0.51
CA VAL B 347 -7.06 -28.38 0.87
C VAL B 347 -6.01 -27.33 1.16
N HIS B 348 -6.28 -26.46 2.14
CA HIS B 348 -5.32 -25.45 2.54
C HIS B 348 -5.48 -25.17 4.02
N PHE B 349 -4.36 -25.17 4.75
CA PHE B 349 -4.30 -24.72 6.13
C PHE B 349 -3.50 -23.43 6.18
N HIS B 350 -4.01 -22.44 6.89
CA HIS B 350 -3.29 -21.18 6.99
C HIS B 350 -2.09 -21.32 7.93
N GLY B 351 -1.26 -20.29 7.96
CA GLY B 351 -0.13 -20.26 8.87
C GLY B 351 -0.28 -19.23 9.96
N GLY B 352 0.78 -18.50 10.26
CA GLY B 352 0.68 -17.42 11.22
C GLY B 352 0.99 -17.79 12.65
N GLY B 353 1.93 -18.71 12.86
CA GLY B 353 2.44 -19.03 14.18
C GLY B 353 1.44 -19.60 15.16
N PHE B 354 0.34 -20.16 14.66
CA PHE B 354 -0.74 -20.79 15.42
C PHE B 354 -1.45 -19.83 16.34
N VAL B 355 -1.14 -18.53 16.27
CA VAL B 355 -1.69 -17.54 17.18
C VAL B 355 -2.37 -16.39 16.47
N ALA B 356 -2.17 -16.23 15.17
CA ALA B 356 -2.77 -15.17 14.39
C ALA B 356 -2.83 -15.61 12.94
N GLN B 357 -3.18 -14.67 12.07
CA GLN B 357 -3.29 -14.87 10.62
C GLN B 357 -4.27 -16.00 10.30
N THR B 358 -5.54 -15.71 10.60
CA THR B 358 -6.61 -16.66 10.29
C THR B 358 -6.90 -16.68 8.79
N SER B 359 -7.95 -17.38 8.42
CA SER B 359 -8.26 -17.59 7.00
C SER B 359 -8.69 -16.30 6.29
N ARG B 360 -9.01 -15.24 7.03
CA ARG B 360 -9.40 -13.96 6.46
C ARG B 360 -8.19 -13.08 6.13
N SER B 361 -7.01 -13.65 5.99
CA SER B 361 -5.81 -12.90 5.63
C SER B 361 -4.98 -13.54 4.54
N HIS B 362 -5.37 -14.71 4.02
CA HIS B 362 -4.60 -15.42 3.01
C HIS B 362 -5.19 -15.27 1.62
N GLU B 363 -6.26 -14.50 1.46
CA GLU B 363 -6.92 -14.36 0.17
C GLU B 363 -6.06 -13.83 -0.98
N PRO B 364 -5.30 -12.72 -0.86
CA PRO B 364 -4.77 -12.05 -2.06
C PRO B 364 -3.84 -12.90 -2.92
N TYR B 365 -3.23 -13.96 -2.39
CA TYR B 365 -2.55 -14.92 -3.24
C TYR B 365 -3.31 -16.23 -3.38
N LEU B 366 -4.31 -16.48 -2.53
CA LEU B 366 -5.17 -17.65 -2.71
C LEU B 366 -6.05 -17.50 -3.93
N LYS B 367 -6.43 -16.26 -4.27
CA LYS B 367 -7.25 -16.02 -5.45
C LYS B 367 -6.45 -16.26 -6.72
N SER B 368 -5.14 -15.99 -6.68
CA SER B 368 -4.30 -16.27 -7.83
C SER B 368 -3.99 -17.76 -7.94
N TRP B 369 -4.15 -18.52 -6.85
CA TRP B 369 -3.99 -19.96 -6.92
C TRP B 369 -5.09 -20.58 -7.78
N ALA B 370 -6.33 -20.14 -7.61
CA ALA B 370 -7.46 -20.71 -8.33
C ALA B 370 -7.47 -20.32 -9.82
N GLN B 371 -6.61 -19.40 -10.24
CA GLN B 371 -6.58 -18.98 -11.64
C GLN B 371 -6.08 -20.11 -12.54
N GLU B 372 -5.03 -20.82 -12.14
CA GLU B 372 -4.43 -21.86 -12.97
C GLU B 372 -4.66 -23.27 -12.48
N LEU B 373 -4.85 -23.46 -11.16
CA LEU B 373 -5.00 -24.81 -10.62
C LEU B 373 -6.33 -25.44 -11.04
N GLY B 374 -7.40 -24.65 -11.06
CA GLY B 374 -8.72 -25.19 -11.40
C GLY B 374 -9.28 -26.14 -10.37
N ALA B 375 -9.08 -25.85 -9.09
CA ALA B 375 -9.59 -26.67 -8.00
C ALA B 375 -10.16 -25.76 -6.93
N PRO B 376 -11.19 -26.21 -6.21
CA PRO B 376 -11.76 -25.40 -5.13
C PRO B 376 -10.91 -25.46 -3.86
N ILE B 377 -10.39 -24.30 -3.45
CA ILE B 377 -9.57 -24.20 -2.25
C ILE B 377 -10.49 -24.13 -1.04
N ILE B 378 -10.28 -25.01 -0.08
CA ILE B 378 -10.95 -24.91 1.22
C ILE B 378 -9.88 -24.40 2.19
N SER B 379 -9.78 -23.09 2.32
CA SER B 379 -8.81 -22.49 3.23
C SER B 379 -9.34 -22.66 4.64
N ILE B 380 -8.98 -23.77 5.28
CA ILE B 380 -9.59 -24.16 6.55
C ILE B 380 -9.18 -23.18 7.65
N ASP B 381 -10.17 -22.66 8.37
CA ASP B 381 -9.93 -21.82 9.52
C ASP B 381 -9.99 -22.71 10.76
N TYR B 382 -8.86 -23.34 11.08
CA TYR B 382 -8.79 -24.13 12.29
C TYR B 382 -8.63 -23.23 13.51
N SER B 383 -8.84 -23.81 14.68
CA SER B 383 -8.73 -23.04 15.91
C SER B 383 -7.27 -22.70 16.21
N LEU B 384 -7.08 -21.67 17.03
CA LEU B 384 -5.79 -21.02 17.19
C LEU B 384 -5.30 -21.09 18.63
N ALA B 385 -4.01 -21.36 18.79
CA ALA B 385 -3.35 -21.33 20.09
C ALA B 385 -3.27 -19.88 20.60
N PRO B 386 -3.14 -19.67 21.93
CA PRO B 386 -3.01 -20.61 23.06
C PRO B 386 -4.32 -21.00 23.74
N GLU B 387 -5.43 -20.31 23.49
CA GLU B 387 -6.70 -20.69 24.09
C GLU B 387 -7.26 -21.97 23.49
N ALA B 388 -6.78 -22.36 22.31
CA ALA B 388 -7.16 -23.62 21.68
C ALA B 388 -5.88 -24.34 21.25
N PRO B 389 -5.17 -24.97 22.20
CA PRO B 389 -3.95 -25.70 21.84
C PRO B 389 -4.26 -27.08 21.28
N PHE B 390 -3.25 -27.90 21.08
CA PHE B 390 -3.51 -29.28 20.69
C PHE B 390 -4.20 -30.00 21.86
N PRO B 391 -5.14 -30.90 21.56
CA PRO B 391 -5.59 -31.36 20.24
C PRO B 391 -6.77 -30.57 19.65
N ARG B 392 -7.22 -29.47 20.26
CA ARG B 392 -8.32 -28.69 19.67
C ARG B 392 -7.89 -28.07 18.35
N ALA B 393 -6.66 -27.58 18.27
CA ALA B 393 -6.13 -27.08 17.01
C ALA B 393 -5.70 -28.21 16.08
N LEU B 394 -5.86 -29.45 16.48
CA LEU B 394 -5.42 -30.62 15.72
C LEU B 394 -6.56 -31.44 15.14
N GLU B 395 -7.67 -31.59 15.86
CA GLU B 395 -8.77 -32.42 15.40
C GLU B 395 -9.85 -31.67 14.62
N GLU B 396 -9.99 -30.35 14.82
CA GLU B 396 -10.92 -29.58 13.99
C GLU B 396 -10.50 -29.60 12.53
N CYS B 397 -9.22 -29.39 12.26
CA CYS B 397 -8.70 -29.55 10.91
C CYS B 397 -8.66 -31.01 10.50
N PHE B 398 -8.61 -31.93 11.46
CA PHE B 398 -8.82 -33.33 11.13
C PHE B 398 -10.27 -33.59 10.76
N PHE B 399 -11.21 -32.96 11.49
CA PHE B 399 -12.63 -33.11 11.18
C PHE B 399 -12.98 -32.52 9.82
N ALA B 400 -12.44 -31.33 9.52
CA ALA B 400 -12.74 -30.65 8.26
C ALA B 400 -12.20 -31.42 7.07
N TYR B 401 -10.97 -31.95 7.19
CA TYR B 401 -10.43 -32.80 6.14
C TYR B 401 -11.26 -34.08 6.02
N CYS B 402 -11.69 -34.64 7.15
CA CYS B 402 -12.50 -35.86 7.11
C CYS B 402 -13.87 -35.61 6.49
N TRP B 403 -14.47 -34.45 6.77
CA TRP B 403 -15.79 -34.15 6.21
C TRP B 403 -15.75 -33.94 4.70
N ALA B 404 -14.61 -33.52 4.16
CA ALA B 404 -14.50 -33.24 2.74
C ALA B 404 -14.26 -34.48 1.90
N ILE B 405 -14.05 -35.64 2.51
CA ILE B 405 -13.89 -36.87 1.72
C ILE B 405 -15.25 -37.41 1.29
N LYS B 406 -16.30 -37.09 2.05
CA LYS B 406 -17.61 -37.70 1.84
C LYS B 406 -18.58 -36.71 1.21
N HIS B 407 -18.59 -35.46 1.70
CA HIS B 407 -19.39 -34.39 1.12
C HIS B 407 -18.57 -33.72 0.02
N CYS B 408 -18.29 -34.51 -1.02
CA CYS B 408 -17.44 -34.04 -2.10
C CYS B 408 -18.21 -33.16 -3.08
N ALA B 409 -19.41 -33.59 -3.49
CA ALA B 409 -20.22 -32.79 -4.40
C ALA B 409 -20.73 -31.53 -3.73
N LEU B 410 -20.93 -31.58 -2.41
CA LEU B 410 -21.41 -30.41 -1.68
C LEU B 410 -20.38 -29.29 -1.67
N LEU B 411 -19.10 -29.63 -1.81
CA LEU B 411 -18.03 -28.66 -1.94
C LEU B 411 -17.64 -28.41 -3.40
N GLY B 412 -18.40 -28.96 -4.34
CA GLY B 412 -18.05 -28.84 -5.75
C GLY B 412 -16.80 -29.60 -6.14
N SER B 413 -16.62 -30.81 -5.61
CA SER B 413 -15.46 -31.64 -5.91
C SER B 413 -15.92 -33.07 -6.07
N THR B 414 -14.96 -33.98 -6.23
CA THR B 414 -15.27 -35.39 -6.37
C THR B 414 -14.45 -36.21 -5.38
N GLY B 415 -13.28 -35.69 -5.00
CA GLY B 415 -12.41 -36.38 -4.09
C GLY B 415 -11.54 -37.45 -4.72
N GLU B 416 -11.35 -37.41 -6.05
CA GLU B 416 -10.46 -38.36 -6.71
C GLU B 416 -9.00 -38.09 -6.41
N ARG B 417 -8.67 -36.91 -5.92
CA ARG B 417 -7.30 -36.57 -5.57
C ARG B 417 -7.31 -35.44 -4.55
N ILE B 418 -6.43 -35.53 -3.56
CA ILE B 418 -6.28 -34.51 -2.55
C ILE B 418 -4.89 -33.92 -2.72
N CYS B 419 -4.83 -32.61 -2.93
CA CYS B 419 -3.59 -31.86 -2.87
C CYS B 419 -3.63 -30.96 -1.65
N LEU B 420 -2.48 -30.74 -1.03
CA LEU B 420 -2.46 -30.09 0.27
C LEU B 420 -1.41 -29.00 0.25
N ALA B 421 -1.67 -27.93 0.98
CA ALA B 421 -0.81 -26.75 1.02
C ALA B 421 -0.45 -26.41 2.46
N GLY B 422 0.62 -25.62 2.60
CA GLY B 422 1.11 -25.25 3.91
C GLY B 422 1.86 -23.94 3.90
N ASP B 423 2.11 -23.42 5.10
CA ASP B 423 2.62 -22.07 5.32
C ASP B 423 3.71 -22.16 6.40
N SER B 424 4.05 -21.01 7.00
CA SER B 424 5.03 -20.96 8.08
C SER B 424 4.66 -21.89 9.21
N ALA B 425 3.41 -21.84 9.65
CA ALA B 425 2.93 -22.65 10.75
C ALA B 425 2.15 -23.86 10.29
N GLY B 426 1.44 -23.75 9.17
CA GLY B 426 0.71 -24.85 8.59
C GLY B 426 1.54 -25.82 7.79
N GLY B 427 2.85 -25.59 7.72
CA GLY B 427 3.75 -26.52 7.06
C GLY B 427 4.00 -27.82 7.81
N ASN B 428 3.68 -27.87 9.10
CA ASN B 428 3.65 -29.13 9.83
C ASN B 428 2.26 -29.75 9.85
N LEU B 429 1.23 -29.00 9.49
CA LEU B 429 -0.12 -29.55 9.38
C LEU B 429 -0.24 -30.52 8.22
N CYS B 430 0.53 -30.31 7.16
CA CYS B 430 0.55 -31.26 6.06
C CYS B 430 1.45 -32.45 6.33
N PHE B 431 2.01 -32.57 7.54
CA PHE B 431 2.65 -33.78 8.02
C PHE B 431 1.93 -34.38 9.22
N THR B 432 1.35 -33.56 10.10
CA THR B 432 0.77 -34.07 11.32
C THR B 432 -0.57 -34.74 11.06
N VAL B 433 -1.53 -33.99 10.52
CA VAL B 433 -2.86 -34.55 10.25
C VAL B 433 -2.96 -35.21 8.88
N ALA B 434 -1.98 -35.01 8.01
CA ALA B 434 -1.99 -35.69 6.72
C ALA B 434 -1.42 -37.10 6.79
N LEU B 435 -0.74 -37.44 7.89
CA LEU B 435 -0.17 -38.76 8.08
C LEU B 435 -0.86 -39.53 9.18
N ARG B 436 -1.48 -38.84 10.14
CA ARG B 436 -2.29 -39.50 11.14
C ARG B 436 -3.56 -40.11 10.57
N ALA B 437 -3.97 -39.69 9.38
CA ALA B 437 -5.06 -40.37 8.68
C ALA B 437 -4.69 -41.80 8.32
N ALA B 438 -3.41 -42.04 7.98
CA ALA B 438 -2.94 -43.39 7.71
C ALA B 438 -2.94 -44.26 8.97
N ALA B 439 -2.92 -43.65 10.16
CA ALA B 439 -3.10 -44.42 11.37
C ALA B 439 -4.54 -44.88 11.54
N TYR B 440 -5.48 -44.17 10.93
CA TYR B 440 -6.90 -44.52 11.00
C TYR B 440 -7.34 -45.42 9.86
N GLY B 441 -6.49 -45.66 8.87
CA GLY B 441 -6.81 -46.55 7.76
C GLY B 441 -7.48 -45.89 6.58
N VAL B 442 -7.91 -44.63 6.71
CA VAL B 442 -8.52 -43.92 5.59
C VAL B 442 -7.44 -43.50 4.61
N ARG B 443 -7.82 -43.28 3.36
CA ARG B 443 -6.87 -42.91 2.32
C ARG B 443 -6.23 -41.55 2.61
N VAL B 444 -4.97 -41.40 2.22
CA VAL B 444 -4.17 -40.23 2.51
C VAL B 444 -3.98 -39.43 1.23
N PRO B 445 -3.66 -38.13 1.30
CA PRO B 445 -3.40 -37.38 0.07
C PRO B 445 -2.16 -37.90 -0.65
N ASP B 446 -2.12 -37.68 -1.96
CA ASP B 446 -1.03 -38.17 -2.79
C ASP B 446 0.04 -37.12 -3.00
N GLY B 447 0.14 -36.13 -2.11
CA GLY B 447 1.19 -35.13 -2.23
C GLY B 447 1.06 -34.01 -1.23
N ILE B 448 2.21 -33.51 -0.78
CA ILE B 448 2.28 -32.47 0.24
C ILE B 448 3.11 -31.32 -0.31
N MET B 449 2.57 -30.10 -0.23
CA MET B 449 3.33 -28.89 -0.50
C MET B 449 3.40 -28.09 0.79
N ALA B 450 4.61 -27.77 1.23
CA ALA B 450 4.81 -27.04 2.48
C ALA B 450 5.86 -25.97 2.25
N ALA B 451 5.45 -24.72 2.26
CA ALA B 451 6.39 -23.61 2.14
C ALA B 451 6.96 -23.29 3.51
N TYR B 452 8.29 -23.43 3.64
CA TYR B 452 9.13 -23.21 4.82
C TYR B 452 8.45 -23.71 6.11
N PRO B 453 8.34 -25.02 6.28
CA PRO B 453 7.57 -25.55 7.40
C PRO B 453 8.29 -25.40 8.73
N ALA B 454 7.50 -25.35 9.81
CA ALA B 454 8.02 -25.29 11.17
C ALA B 454 7.90 -26.68 11.78
N THR B 455 8.89 -27.53 11.49
CA THR B 455 8.78 -28.96 11.70
C THR B 455 9.59 -29.43 12.91
N MET B 456 10.23 -28.51 13.63
CA MET B 456 11.08 -28.85 14.78
C MET B 456 10.72 -27.97 15.98
N LEU B 457 9.45 -27.98 16.34
CA LEU B 457 8.95 -27.13 17.41
C LEU B 457 9.56 -27.44 18.78
N GLN B 458 10.22 -28.58 18.92
CA GLN B 458 10.98 -28.87 20.14
C GLN B 458 12.12 -27.88 20.30
N PRO B 459 12.25 -27.20 21.45
CA PRO B 459 13.18 -26.07 21.57
C PRO B 459 14.61 -26.54 21.76
N ALA B 460 15.45 -26.32 20.75
CA ALA B 460 16.89 -26.53 20.84
C ALA B 460 17.57 -25.70 19.76
N ALA B 461 18.85 -25.42 19.97
CA ALA B 461 19.57 -24.51 19.09
C ALA B 461 20.25 -25.24 17.95
N SER B 462 20.45 -24.51 16.85
CA SER B 462 21.06 -25.04 15.63
C SER B 462 21.76 -23.89 14.93
N PRO B 463 22.67 -24.19 13.99
CA PRO B 463 23.34 -23.10 13.25
C PRO B 463 22.41 -22.20 12.43
N SER B 464 21.23 -22.67 12.04
CA SER B 464 20.25 -21.78 11.43
C SER B 464 19.33 -21.14 12.45
N ARG B 465 19.15 -21.74 13.62
CA ARG B 465 18.53 -21.04 14.73
C ARG B 465 19.47 -20.03 15.37
N LEU B 466 20.74 -20.02 14.96
CA LEU B 466 21.68 -19.02 15.42
C LEU B 466 21.27 -17.63 14.97
N LEU B 467 20.97 -17.48 13.68
CA LEU B 467 20.60 -16.19 13.12
C LEU B 467 19.11 -15.91 13.21
N SER B 468 18.55 -16.21 14.38
CA SER B 468 17.19 -15.85 14.70
C SER B 468 17.12 -14.57 15.51
N LEU B 469 18.26 -14.04 15.93
CA LEU B 469 18.32 -12.78 16.66
C LEU B 469 18.58 -11.58 15.76
N MET B 470 18.82 -11.80 14.46
CA MET B 470 19.16 -10.73 13.52
C MET B 470 18.09 -10.50 12.47
N ASP B 471 17.06 -11.35 12.41
CA ASP B 471 16.06 -11.22 11.36
C ASP B 471 15.15 -10.01 11.62
N PRO B 472 14.78 -9.28 10.56
CA PRO B 472 14.00 -8.05 10.76
C PRO B 472 12.56 -8.26 11.21
N LEU B 473 11.82 -9.12 10.50
CA LEU B 473 10.39 -9.23 10.73
C LEU B 473 10.06 -10.02 11.99
N LEU B 474 10.93 -10.94 12.41
CA LEU B 474 10.71 -11.65 13.66
C LEU B 474 12.03 -12.06 14.31
N PRO B 475 12.22 -11.71 15.57
CA PRO B 475 13.41 -12.19 16.30
C PRO B 475 13.23 -13.61 16.84
N LEU B 476 14.20 -14.05 17.66
CA LEU B 476 14.16 -15.41 18.20
C LEU B 476 13.01 -15.59 19.18
N SER B 477 12.63 -14.52 19.89
CA SER B 477 11.59 -14.60 20.91
C SER B 477 10.18 -14.56 20.33
N VAL B 478 10.03 -14.79 19.02
CA VAL B 478 8.73 -14.95 18.41
C VAL B 478 8.35 -16.42 18.26
N LEU B 479 9.22 -17.22 17.65
CA LEU B 479 8.96 -18.64 17.48
C LEU B 479 9.28 -19.46 18.71
N SER B 480 10.18 -19.00 19.57
CA SER B 480 10.44 -19.72 20.81
C SER B 480 9.30 -19.58 21.81
N LYS B 481 8.52 -18.50 21.71
CA LYS B 481 7.35 -18.29 22.55
C LYS B 481 6.05 -18.65 21.86
N CYS B 482 6.10 -19.08 20.61
CA CYS B 482 4.91 -19.60 19.94
C CYS B 482 4.72 -21.09 20.18
N VAL B 483 5.67 -21.76 20.81
CA VAL B 483 5.51 -23.17 21.14
C VAL B 483 4.99 -23.35 22.56
N SER B 484 5.10 -22.33 23.41
CA SER B 484 4.38 -22.37 24.68
C SER B 484 2.89 -22.18 24.46
N ALA B 485 2.52 -21.47 23.39
CA ALA B 485 1.12 -21.33 23.03
C ALA B 485 0.55 -22.64 22.51
N TYR B 486 1.25 -23.29 21.59
CA TYR B 486 0.80 -24.56 21.04
C TYR B 486 0.79 -25.67 22.07
N ALA B 487 1.82 -25.77 22.92
CA ALA B 487 1.86 -26.83 23.91
C ALA B 487 1.01 -26.56 25.14
N GLY B 488 0.54 -25.32 25.33
CA GLY B 488 -0.24 -24.98 26.50
C GLY B 488 0.55 -25.08 27.79
N ALA B 489 1.77 -24.54 27.79
CA ALA B 489 2.62 -24.59 28.96
C ALA B 489 2.06 -23.71 30.08
N LYS B 490 2.36 -24.11 31.31
CA LYS B 490 1.91 -23.40 32.50
C LYS B 490 2.98 -22.43 32.97
N THR B 491 2.59 -21.19 33.22
CA THR B 491 3.52 -20.17 33.67
C THR B 491 3.67 -20.21 35.19
N ALA B 638 36.16 -22.87 27.04
CA ALA B 638 35.91 -21.48 27.40
C ALA B 638 34.82 -20.87 26.53
N ALA B 639 34.09 -19.91 27.10
CA ALA B 639 33.04 -19.23 26.34
C ALA B 639 33.63 -18.36 25.23
N PHE B 640 34.73 -17.66 25.53
CA PHE B 640 35.38 -16.79 24.56
C PHE B 640 36.82 -16.59 25.00
N PRO B 641 37.75 -16.35 24.06
CA PRO B 641 39.13 -16.07 24.45
C PRO B 641 39.25 -14.75 25.19
N GLU B 642 40.30 -14.67 26.01
CA GLU B 642 40.53 -13.47 26.83
C GLU B 642 40.89 -12.28 25.94
N GLY B 643 40.34 -11.13 26.30
CA GLY B 643 40.56 -9.90 25.56
C GLY B 643 39.47 -9.57 24.56
N PHE B 644 38.68 -10.56 24.14
CA PHE B 644 37.57 -10.33 23.22
C PHE B 644 36.34 -10.00 24.05
N HIS B 645 36.02 -8.71 24.14
CA HIS B 645 34.89 -8.23 24.92
C HIS B 645 34.08 -7.23 24.10
N PRO B 646 33.18 -7.72 23.24
CA PRO B 646 32.25 -6.81 22.56
C PRO B 646 31.13 -6.36 23.47
N ARG B 647 30.16 -5.63 22.93
CA ARG B 647 29.03 -5.19 23.75
C ARG B 647 28.14 -6.39 24.09
N ARG B 648 27.78 -6.50 25.36
CA ARG B 648 26.95 -7.59 25.85
C ARG B 648 25.67 -7.04 26.46
N SER B 649 24.60 -7.83 26.38
CA SER B 649 23.29 -7.39 26.83
C SER B 649 23.19 -7.59 28.34
N SER B 650 23.21 -6.48 29.08
CA SER B 650 23.09 -6.50 30.53
C SER B 650 21.71 -6.07 31.00
N GLN B 651 20.72 -6.05 30.11
CA GLN B 651 19.36 -5.61 30.47
C GLN B 651 18.51 -6.76 31.02
N GLY B 652 19.03 -7.42 32.05
CA GLY B 652 18.30 -8.51 32.68
C GLY B 652 18.38 -9.82 31.93
N ALA B 653 18.54 -10.92 32.66
CA ALA B 653 18.62 -12.24 32.05
C ALA B 653 17.20 -12.76 31.81
N THR B 654 16.92 -13.11 30.56
CA THR B 654 15.59 -13.59 30.16
C THR B 654 15.50 -15.08 30.47
N GLN B 655 15.22 -15.39 31.74
CA GLN B 655 15.05 -16.77 32.18
C GLN B 655 13.58 -17.18 32.07
N MET B 656 13.10 -17.18 30.82
CA MET B 656 11.73 -17.57 30.55
C MET B 656 11.57 -19.08 30.75
N PRO B 657 10.35 -19.53 31.08
CA PRO B 657 10.11 -20.99 31.18
C PRO B 657 9.94 -21.62 29.81
N LEU B 658 10.96 -22.35 29.37
CA LEU B 658 10.92 -23.10 28.14
C LEU B 658 11.06 -24.60 28.40
N TYR B 659 10.38 -25.07 29.46
CA TYR B 659 10.44 -26.48 29.82
C TYR B 659 9.77 -27.33 28.75
N SER B 660 10.34 -28.52 28.51
CA SER B 660 9.90 -29.42 27.46
C SER B 660 9.35 -30.68 28.10
N SER B 661 8.05 -30.66 28.42
CA SER B 661 7.36 -31.86 28.88
C SER B 661 7.24 -32.85 27.72
N PRO B 662 7.02 -34.15 28.02
CA PRO B 662 6.93 -35.16 26.95
C PRO B 662 5.81 -34.97 25.93
N ILE B 663 4.97 -33.94 26.08
CA ILE B 663 3.96 -33.63 25.08
C ILE B 663 4.53 -33.03 23.81
N VAL B 664 5.82 -32.67 23.80
CA VAL B 664 6.48 -32.23 22.58
C VAL B 664 7.32 -33.32 21.93
N LYS B 665 7.53 -34.45 22.61
CA LYS B 665 8.30 -35.54 22.03
C LYS B 665 7.50 -36.33 21.00
N ASN B 666 6.17 -36.16 21.00
CA ASN B 666 5.32 -37.04 20.24
C ASN B 666 5.44 -36.75 18.74
N PRO B 667 5.11 -37.74 17.92
CA PRO B 667 5.08 -37.53 16.47
C PRO B 667 4.17 -36.41 15.97
N PHE B 668 3.03 -36.21 16.62
CA PHE B 668 2.00 -35.30 16.12
C PHE B 668 2.22 -33.86 16.57
N MET B 669 3.45 -33.51 16.95
CA MET B 669 3.85 -32.13 17.20
C MET B 669 5.15 -31.76 16.48
N SER B 670 6.05 -32.71 16.25
CA SER B 670 7.33 -32.49 15.58
C SER B 670 7.82 -33.80 14.97
N PRO B 671 7.53 -34.05 13.69
CA PRO B 671 7.65 -35.42 13.16
C PRO B 671 9.08 -35.89 12.87
N LEU B 672 10.12 -35.11 13.19
CA LEU B 672 11.47 -35.60 12.95
C LEU B 672 11.87 -36.66 13.96
N LEU B 673 11.60 -36.41 15.25
CA LEU B 673 11.92 -37.37 16.31
C LEU B 673 10.81 -38.39 16.52
N ALA B 674 9.94 -38.57 15.52
CA ALA B 674 8.93 -39.60 15.56
C ALA B 674 9.56 -40.97 15.36
N PRO B 675 8.87 -42.03 15.78
CA PRO B 675 9.34 -43.38 15.46
C PRO B 675 9.44 -43.60 13.95
N ASP B 676 10.47 -44.32 13.53
CA ASP B 676 10.82 -44.45 12.12
C ASP B 676 9.76 -45.22 11.33
N SER B 677 9.15 -46.25 11.94
CA SER B 677 8.25 -47.16 11.23
C SER B 677 6.97 -46.51 10.76
N MET B 678 6.65 -45.31 11.21
CA MET B 678 5.40 -44.68 10.80
C MET B 678 5.58 -43.63 9.72
N LEU B 679 6.80 -43.09 9.56
CA LEU B 679 7.03 -42.14 8.48
C LEU B 679 7.27 -42.81 7.14
N LYS B 680 7.24 -44.14 7.09
CA LYS B 680 7.44 -44.85 5.84
C LYS B 680 6.29 -44.62 4.86
N SER B 681 5.06 -44.56 5.37
CA SER B 681 3.88 -44.41 4.54
C SER B 681 3.51 -42.95 4.27
N LEU B 682 4.48 -42.04 4.38
CA LEU B 682 4.24 -40.63 4.13
C LEU B 682 3.96 -40.40 2.64
N PRO B 683 3.11 -39.43 2.32
CA PRO B 683 2.95 -39.00 0.92
C PRO B 683 4.21 -38.31 0.44
N PRO B 684 4.42 -38.25 -0.88
CA PRO B 684 5.54 -37.46 -1.41
C PRO B 684 5.41 -35.98 -1.05
N VAL B 685 6.55 -35.37 -0.72
CA VAL B 685 6.59 -34.02 -0.18
C VAL B 685 7.43 -33.14 -1.08
N HIS B 686 6.92 -31.93 -1.34
CA HIS B 686 7.68 -30.87 -1.97
C HIS B 686 7.71 -29.67 -1.05
N ILE B 687 8.91 -29.19 -0.73
CA ILE B 687 9.10 -28.14 0.27
C ILE B 687 9.99 -27.06 -0.33
N VAL B 688 9.57 -25.80 -0.21
CA VAL B 688 10.41 -24.65 -0.52
C VAL B 688 10.81 -24.00 0.81
N ALA B 689 11.94 -23.29 0.78
CA ALA B 689 12.46 -22.60 1.95
C ALA B 689 13.38 -21.49 1.49
N CYS B 690 13.82 -20.65 2.42
CA CYS B 690 14.77 -19.59 2.14
C CYS B 690 16.06 -19.85 2.91
N ALA B 691 17.15 -19.27 2.42
CA ALA B 691 18.46 -19.49 3.03
C ALA B 691 18.69 -18.66 4.28
N LEU B 692 17.78 -17.75 4.63
CA LEU B 692 17.97 -16.85 5.76
C LEU B 692 16.81 -16.96 6.75
N ASP B 693 16.40 -18.20 7.04
CA ASP B 693 15.32 -18.39 8.01
C ASP B 693 15.82 -19.09 9.26
N PRO B 694 15.22 -18.84 10.42
CA PRO B 694 15.43 -19.74 11.56
C PRO B 694 14.90 -21.13 11.29
N MET B 695 13.82 -21.24 10.52
CA MET B 695 13.29 -22.54 10.11
C MET B 695 13.98 -23.04 8.85
N LEU B 696 15.31 -23.00 8.85
CA LEU B 696 16.07 -23.54 7.75
C LEU B 696 16.71 -24.87 8.12
N ASP B 697 17.33 -24.96 9.30
CA ASP B 697 18.02 -26.18 9.71
C ASP B 697 17.04 -27.33 9.90
N ASP B 698 15.81 -27.01 10.29
CA ASP B 698 14.80 -28.03 10.50
C ASP B 698 14.30 -28.58 9.18
N SER B 699 14.12 -27.72 8.19
CA SER B 699 13.62 -28.17 6.88
C SER B 699 14.66 -29.02 6.14
N VAL B 700 15.95 -28.71 6.28
CA VAL B 700 16.97 -29.56 5.67
C VAL B 700 17.15 -30.85 6.49
N MET B 701 16.91 -30.77 7.81
CA MET B 701 16.88 -32.00 8.61
C MET B 701 15.76 -32.94 8.18
N LEU B 702 14.65 -32.39 7.67
CA LEU B 702 13.54 -33.21 7.23
C LEU B 702 13.91 -34.04 6.02
N ALA B 703 14.68 -33.47 5.09
CA ALA B 703 15.16 -34.25 3.95
C ALA B 703 16.17 -35.31 4.39
N ARG B 704 16.95 -35.02 5.44
CA ARG B 704 17.92 -36.00 5.94
C ARG B 704 17.23 -37.22 6.52
N ARG B 705 16.15 -37.02 7.26
CA ARG B 705 15.46 -38.12 7.92
C ARG B 705 14.60 -38.95 6.97
N LEU B 706 14.38 -38.49 5.74
CA LEU B 706 13.59 -39.24 4.77
C LEU B 706 14.39 -39.75 3.57
N ARG B 707 15.58 -39.20 3.32
CA ARG B 707 16.39 -39.71 2.22
C ARG B 707 17.12 -41.00 2.58
N ASN B 708 17.23 -41.32 3.86
CA ASN B 708 17.79 -42.60 4.29
C ASN B 708 16.72 -43.69 4.41
N LEU B 709 15.47 -43.38 4.07
CA LEU B 709 14.39 -44.36 4.10
C LEU B 709 13.88 -44.75 2.72
N GLY B 710 14.26 -44.03 1.68
CA GLY B 710 13.82 -44.32 0.33
C GLY B 710 12.66 -43.45 -0.14
N GLN B 711 11.98 -42.78 0.76
CA GLN B 711 10.89 -41.89 0.36
C GLN B 711 11.45 -40.64 -0.29
N PRO B 712 10.98 -40.25 -1.47
CA PRO B 712 11.51 -39.06 -2.14
C PRO B 712 10.89 -37.79 -1.59
N VAL B 713 11.74 -36.86 -1.15
CA VAL B 713 11.32 -35.52 -0.76
C VAL B 713 12.26 -34.52 -1.42
N THR B 714 11.69 -33.49 -2.03
CA THR B 714 12.45 -32.46 -2.72
C THR B 714 12.42 -31.18 -1.89
N LEU B 715 13.59 -30.57 -1.70
CA LEU B 715 13.72 -29.32 -0.98
C LEU B 715 14.32 -28.28 -1.91
N ARG B 716 13.64 -27.13 -2.03
CA ARG B 716 14.14 -26.00 -2.79
C ARG B 716 14.44 -24.86 -1.83
N VAL B 717 15.54 -24.16 -2.10
CA VAL B 717 15.98 -23.05 -1.25
C VAL B 717 16.08 -21.80 -2.11
N VAL B 718 15.71 -20.66 -1.53
CA VAL B 718 15.89 -19.37 -2.16
C VAL B 718 16.71 -18.49 -1.24
N GLU B 719 17.07 -17.30 -1.72
CA GLU B 719 18.00 -16.44 -1.00
C GLU B 719 17.51 -15.00 -1.03
N ASP B 720 18.13 -14.18 -0.17
CA ASP B 720 17.93 -12.74 -0.04
C ASP B 720 16.53 -12.36 0.40
N LEU B 721 15.76 -13.29 0.96
CA LEU B 721 14.41 -13.01 1.41
C LEU B 721 14.21 -13.59 2.81
N PRO B 722 13.35 -12.99 3.62
CA PRO B 722 12.99 -13.59 4.90
C PRO B 722 11.97 -14.70 4.71
N HIS B 723 11.53 -15.28 5.81
CA HIS B 723 10.43 -16.23 5.79
C HIS B 723 9.17 -15.53 6.29
N GLY B 724 8.05 -15.82 5.65
CA GLY B 724 6.86 -15.00 5.78
C GLY B 724 6.51 -14.20 4.55
N PHE B 725 6.99 -14.61 3.38
CA PHE B 725 6.87 -13.83 2.16
C PHE B 725 5.66 -14.23 1.30
N LEU B 726 4.88 -15.21 1.72
CA LEU B 726 3.75 -15.65 0.89
C LEU B 726 2.64 -14.61 0.88
N THR B 727 2.47 -13.86 1.96
CA THR B 727 1.52 -12.77 2.02
C THR B 727 2.08 -11.47 1.45
N LEU B 728 3.32 -11.49 1.00
CA LEU B 728 4.05 -10.32 0.53
C LEU B 728 4.52 -10.57 -0.91
N ALA B 729 3.67 -11.26 -1.68
CA ALA B 729 4.04 -11.71 -3.01
C ALA B 729 4.14 -10.55 -3.99
N ALA B 730 3.15 -9.67 -4.01
CA ALA B 730 3.03 -8.61 -5.00
C ALA B 730 3.61 -7.29 -4.52
N LEU B 731 4.66 -7.33 -3.72
CA LEU B 731 5.24 -6.13 -3.13
C LEU B 731 6.65 -5.84 -3.62
N CYS B 732 7.44 -6.86 -3.90
CA CYS B 732 8.79 -6.69 -4.39
C CYS B 732 8.96 -7.45 -5.70
N ARG B 733 10.04 -7.14 -6.41
CA ARG B 733 10.33 -7.81 -7.67
C ARG B 733 10.97 -9.17 -7.48
N GLU B 734 11.46 -9.47 -6.27
CA GLU B 734 12.09 -10.74 -5.99
C GLU B 734 11.20 -11.72 -5.23
N THR B 735 10.21 -11.23 -4.48
CA THR B 735 9.24 -12.10 -3.84
C THR B 735 8.11 -12.51 -4.77
N ARG B 736 8.04 -11.92 -5.96
CA ARG B 736 7.00 -12.28 -6.92
C ARG B 736 7.21 -13.69 -7.45
N GLN B 737 8.43 -14.00 -7.89
CA GLN B 737 8.71 -15.33 -8.42
C GLN B 737 9.02 -16.34 -7.33
N ALA B 738 9.32 -15.90 -6.12
CA ALA B 738 9.54 -16.83 -5.02
C ALA B 738 8.22 -17.36 -4.47
N ALA B 739 7.21 -16.50 -4.35
CA ALA B 739 5.88 -16.97 -3.97
C ALA B 739 5.16 -17.64 -5.12
N GLU B 740 5.56 -17.37 -6.36
CA GLU B 740 5.08 -18.12 -7.50
C GLU B 740 5.66 -19.53 -7.51
N LEU B 741 6.82 -19.74 -6.88
CA LEU B 741 7.42 -21.07 -6.82
C LEU B 741 6.60 -22.03 -5.98
N CYS B 742 5.83 -21.52 -5.01
CA CYS B 742 4.92 -22.39 -4.25
C CYS B 742 3.83 -22.95 -5.16
N VAL B 743 3.29 -22.13 -6.06
CA VAL B 743 2.26 -22.59 -6.98
C VAL B 743 2.85 -23.60 -7.97
N GLU B 744 4.12 -23.43 -8.35
CA GLU B 744 4.73 -24.28 -9.37
C GLU B 744 4.89 -25.71 -8.87
N ARG B 745 5.21 -25.89 -7.59
CA ARG B 745 5.36 -27.23 -7.04
C ARG B 745 4.07 -27.78 -6.45
N ILE B 746 3.00 -26.98 -6.39
CA ILE B 746 1.73 -27.46 -5.87
C ILE B 746 0.87 -28.10 -6.95
N ARG B 747 1.20 -27.89 -8.22
CA ARG B 747 0.48 -28.51 -9.32
C ARG B 747 1.14 -29.82 -9.78
N LEU B 748 2.29 -30.16 -9.22
CA LEU B 748 2.89 -31.47 -9.49
C LEU B 748 2.18 -32.59 -8.74
N VAL B 749 1.43 -32.26 -7.70
CA VAL B 749 0.58 -33.23 -7.01
C VAL B 749 -0.57 -33.71 -7.87
N LEU B 750 -1.13 -32.83 -8.71
CA LEU B 750 -2.37 -33.11 -9.43
C LEU B 750 -2.23 -34.22 -10.46
N THR B 751 -1.03 -34.51 -10.93
CA THR B 751 -0.82 -35.57 -11.91
C THR B 751 -0.97 -36.93 -11.25
N PRO B 752 -1.51 -37.95 -11.94
CA PRO B 752 -1.56 -39.32 -11.42
C PRO B 752 -0.20 -39.98 -11.36
#